data_3QEX
#
_entry.id   3QEX
#
_cell.length_a   74.991
_cell.length_b   120.211
_cell.length_c   130.361
_cell.angle_alpha   90.00
_cell.angle_beta   90.00
_cell.angle_gamma   90.00
#
_symmetry.space_group_name_H-M   'P 21 21 21'
#
loop_
_entity.id
_entity.type
_entity.pdbx_description
1 polymer 'DNA polymerase'
2 polymer "DNA (5'-D(*TP*CP*AP*TP*GP*TP*AP*AP*GP*CP*AP*GP*TP*CP*CP*GP*CP*G)-3')"
3 polymer "DNA (5'-D(*GP*CP*GP*GP*AP*CP*TP*GP*CP*TP*TP*AP*(DOC))-3')"
4 non-polymer "2'-DEOXYGUANOSINE-5'-TRIPHOSPHATE"
5 non-polymer 'CALCIUM ION'
6 water water
#
loop_
_entity_poly.entity_id
_entity_poly.type
_entity_poly.pdbx_seq_one_letter_code
_entity_poly.pdbx_strand_id
1 'polypeptide(L)'
;MKEFYLTVEQIGDSIFERYIDSNGRERTREVEYKPSLFAHCPESQATKYFDIYGKPCTRKLFANMRDASQWIKRMEDIGL
EALGMDDFKLAYLSDTYNYEIKYDHTKIRVANFDIEVTSPDGFPEPSQAKHPIDAITHYDSIDDRFYVFDLLNSPYGNVE
EWSIEIAAKLQEQGGDEVPSEIIDKIIYMPFDNEKELLMEYLNFWQQKTPVILTGWNVESFAIPYVYNRIKNIFGESTAK
RLSPHRKTRVKVIENMYGSREIITLFGISVLDYIDLYKKFSFTNQPSYSLDYISEFELNVGKLKYDGPISKLRESNHQRY
ISYNIIAVYRVLQIDAKRQFINLSLDMGYYAKIQIQSVFSPIKTWDAIIFNSLKEQNKVIPQGRSHPVQPYPGAFVKEPI
PNRYKYVMSFDLTSLYPSIIRQVNISPETIAGTFKVAPLHDYINAVAERPSDVYSCSPNGMMYYKDRDGVVPTEITKVFN
QRKEHKGYMLAAQRNGEIIKEALHNPNLSVDEPLDVDYRFDFSDEIKEKIKKLSAKSLNEMLFRAQRTEVAGMTAQINRK
ALINGLAGALGNVWFRYYDLRNATAITTFGQMALQWIERKVNEYLNEVCGTEGEAFVLYGDTDSIYVSADKIIDKVGESK
FRDTNHWVDFLDKFARERMEPAIDRGFREMCEYMNNKQHLMFMDREAIAGPPLGSKGIGGFWTGKKRYALNVWDMEGTRY
AEPKLKIMGLETQKSSTPKAVQKALKECIRRMLQEGEESLQEYFKEFEKEFRQLNYISIASVSSANNIAKYDVGGFPGPK
CPFHIRGILTYNRAIKGNIDAPQVVEGEKVYVLPLREGNPFGDKCIAWPSGTEITDLIKDDVLHWMDYTVLLEKTFIKPL
EGFTSAAKLDYEKKASLFDMFDF
;
A
2 'polydeoxyribonucleotide' (DT)(DC)(DA)(DT)(DG)(DT)(DA)(DA)(DG)(DC)(DA)(DG)(DT)(DC)(DC)(DG)(DC)(DG) T
3 'polydeoxyribonucleotide' (DG)(DC)(DG)(DG)(DA)(DC)(DT)(DG)(DC)(DT)(DT)(DA)(DOC) P
#
loop_
_chem_comp.id
_chem_comp.type
_chem_comp.name
_chem_comp.formula
CA non-polymer 'CALCIUM ION' 'Ca 2'
DA DNA linking 2'-DEOXYADENOSINE-5'-MONOPHOSPHATE 'C10 H14 N5 O6 P'
DC DNA linking 2'-DEOXYCYTIDINE-5'-MONOPHOSPHATE 'C9 H14 N3 O7 P'
DG DNA linking 2'-DEOXYGUANOSINE-5'-MONOPHOSPHATE 'C10 H14 N5 O7 P'
DGT non-polymer 2'-DEOXYGUANOSINE-5'-TRIPHOSPHATE 'C10 H16 N5 O13 P3'
DOC DNA linking 2',3'-DIDEOXYCYTIDINE-5'-MONOPHOSPHATE 'C9 H14 N3 O6 P'
DT DNA linking THYMIDINE-5'-MONOPHOSPHATE 'C10 H15 N2 O8 P'
#
# COMPACT_ATOMS: atom_id res chain seq x y z
N MET A 1 -33.29 6.86 -10.40
CA MET A 1 -31.90 7.12 -9.94
C MET A 1 -31.07 7.77 -11.04
N LYS A 2 -29.97 8.42 -10.65
CA LYS A 2 -29.02 8.99 -11.62
C LYS A 2 -28.23 7.85 -12.26
N GLU A 3 -28.00 7.96 -13.57
CA GLU A 3 -27.26 6.94 -14.29
C GLU A 3 -25.78 7.01 -13.96
N PHE A 4 -25.09 5.89 -14.06
CA PHE A 4 -23.64 5.85 -13.95
C PHE A 4 -23.05 4.77 -14.84
N TYR A 5 -21.84 5.03 -15.35
CA TYR A 5 -21.18 4.06 -16.22
C TYR A 5 -20.66 2.89 -15.40
N LEU A 6 -20.50 1.76 -16.09
CA LEU A 6 -19.83 0.61 -15.50
C LEU A 6 -18.44 0.47 -16.14
N THR A 7 -18.42 0.41 -17.47
CA THR A 7 -17.18 0.31 -18.24
C THR A 7 -17.32 1.18 -19.49
N VAL A 8 -16.18 1.63 -20.01
CA VAL A 8 -16.16 2.36 -21.26
C VAL A 8 -14.95 1.91 -22.10
N GLU A 9 -15.14 1.81 -23.41
CA GLU A 9 -14.04 1.46 -24.32
C GLU A 9 -14.16 2.24 -25.62
N GLN A 10 -13.02 2.52 -26.23
CA GLN A 10 -13.00 2.95 -27.63
C GLN A 10 -12.65 1.76 -28.51
N ILE A 11 -13.51 1.46 -29.47
CA ILE A 11 -13.24 0.44 -30.47
C ILE A 11 -13.46 1.07 -31.84
N GLY A 12 -12.35 1.39 -32.52
CA GLY A 12 -12.41 2.15 -33.75
C GLY A 12 -13.09 3.49 -33.52
N ASP A 13 -14.14 3.77 -34.30
CA ASP A 13 -14.85 5.05 -34.21
C ASP A 13 -16.06 5.00 -33.27
N SER A 14 -16.15 3.93 -32.49
CA SER A 14 -17.26 3.78 -31.56
C SER A 14 -16.79 3.75 -30.11
N ILE A 15 -17.60 4.37 -29.25
CA ILE A 15 -17.49 4.17 -27.82
C ILE A 15 -18.46 3.06 -27.46
N PHE A 16 -17.96 2.03 -26.79
CA PHE A 16 -18.80 0.98 -26.22
C PHE A 16 -18.87 1.20 -24.73
N GLU A 17 -20.10 1.39 -24.24
CA GLU A 17 -20.31 1.70 -22.84
C GLU A 17 -21.29 0.73 -22.20
N ARG A 18 -20.90 0.17 -21.06
CA ARG A 18 -21.84 -0.55 -20.22
C ARG A 18 -22.20 0.40 -19.11
N TYR A 19 -23.48 0.48 -18.77
CA TYR A 19 -23.92 1.44 -17.75
C TYR A 19 -25.18 0.99 -17.02
N ILE A 20 -25.46 1.66 -15.92
CA ILE A 20 -26.70 1.47 -15.17
C ILE A 20 -27.63 2.63 -15.54
N ASP A 21 -28.83 2.30 -16.05
CA ASP A 21 -29.77 3.33 -16.47
C ASP A 21 -30.58 3.91 -15.29
N SER A 22 -31.47 4.85 -15.60
CA SER A 22 -32.22 5.57 -14.57
C SER A 22 -33.17 4.66 -13.77
N ASN A 23 -33.41 3.46 -14.29
CA ASN A 23 -34.25 2.47 -13.62
C ASN A 23 -33.45 1.40 -12.89
N GLY A 24 -32.14 1.55 -12.88
CA GLY A 24 -31.26 0.64 -12.16
C GLY A 24 -30.90 -0.62 -12.92
N ARG A 25 -31.19 -0.65 -14.21
CA ARG A 25 -30.87 -1.81 -15.06
C ARG A 25 -29.53 -1.65 -15.77
N GLU A 26 -28.83 -2.77 -15.94
CA GLU A 26 -27.62 -2.78 -16.75
C GLU A 26 -27.94 -2.77 -18.24
N ARG A 27 -27.29 -1.86 -18.95
CA ARG A 27 -27.47 -1.70 -20.39
C ARG A 27 -26.11 -1.62 -21.08
N THR A 28 -26.11 -1.82 -22.39
CA THR A 28 -24.92 -1.60 -23.20
C THR A 28 -25.29 -0.79 -24.42
N ARG A 29 -24.41 0.13 -24.81
CA ARG A 29 -24.65 0.94 -25.99
C ARG A 29 -23.36 1.22 -26.77
N GLU A 30 -23.54 1.37 -28.07
CA GLU A 30 -22.47 1.77 -28.97
C GLU A 30 -22.80 3.17 -29.45
N VAL A 31 -21.89 4.11 -29.19
CA VAL A 31 -22.13 5.52 -29.51
C VAL A 31 -21.04 6.01 -30.47
N GLU A 32 -21.47 6.59 -31.58
CA GLU A 32 -20.54 7.15 -32.57
C GLU A 32 -20.10 8.54 -32.13
N TYR A 33 -19.30 8.56 -31.07
CA TYR A 33 -18.89 9.78 -30.39
C TYR A 33 -17.98 10.64 -31.26
N LYS A 34 -18.37 11.90 -31.42
CA LYS A 34 -17.59 12.86 -32.17
C LYS A 34 -16.80 13.69 -31.18
N PRO A 35 -15.48 13.48 -31.12
CA PRO A 35 -14.66 14.21 -30.15
C PRO A 35 -14.32 15.61 -30.64
N SER A 36 -13.99 16.49 -29.69
CA SER A 36 -13.46 17.80 -30.00
C SER A 36 -12.05 17.94 -29.47
N LEU A 37 -11.22 18.61 -30.26
CA LEU A 37 -9.90 19.06 -29.81
C LEU A 37 -9.81 20.55 -30.11
N PHE A 38 -8.67 21.15 -29.81
CA PHE A 38 -8.55 22.60 -29.86
C PHE A 38 -7.21 23.05 -30.45
N ALA A 39 -7.25 24.21 -31.11
CA ALA A 39 -6.04 24.88 -31.55
C ALA A 39 -6.08 26.32 -31.06
N HIS A 40 -4.92 26.93 -30.86
CA HIS A 40 -4.86 28.35 -30.55
C HIS A 40 -5.42 29.15 -31.74
N CYS A 41 -6.06 30.28 -31.45
CA CYS A 41 -6.69 31.12 -32.46
CA CYS A 41 -6.64 31.12 -32.49
C CYS A 41 -6.35 32.60 -32.20
N PRO A 42 -6.41 33.46 -33.24
CA PRO A 42 -6.14 34.89 -33.01
C PRO A 42 -6.91 35.52 -31.85
N GLU A 43 -6.21 36.38 -31.10
CA GLU A 43 -6.76 37.06 -29.92
C GLU A 43 -7.96 37.95 -30.25
N SER A 44 -7.93 38.55 -31.44
CA SER A 44 -8.97 39.49 -31.88
C SER A 44 -10.32 38.83 -32.15
N GLN A 45 -10.32 37.51 -32.31
CA GLN A 45 -11.54 36.75 -32.64
C GLN A 45 -12.26 36.25 -31.38
N ALA A 46 -13.58 36.08 -31.49
CA ALA A 46 -14.43 35.72 -30.36
C ALA A 46 -14.53 34.21 -30.14
N THR A 47 -14.28 33.80 -28.89
CA THR A 47 -14.42 32.40 -28.48
C THR A 47 -14.77 32.32 -26.99
N LYS A 48 -15.28 31.18 -26.57
CA LYS A 48 -15.52 30.94 -25.16
C LYS A 48 -14.50 29.98 -24.55
N TYR A 49 -13.65 29.42 -25.40
CA TYR A 49 -12.62 28.47 -24.94
C TYR A 49 -11.26 29.14 -24.82
N PHE A 50 -10.61 28.94 -23.67
CA PHE A 50 -9.28 29.48 -23.42
C PHE A 50 -8.41 28.39 -22.80
N ASP A 51 -7.11 28.42 -23.12
CA ASP A 51 -6.20 27.46 -22.50
C ASP A 51 -5.93 27.89 -21.05
N ILE A 52 -5.14 27.12 -20.32
CA ILE A 52 -4.97 27.38 -18.88
C ILE A 52 -4.26 28.69 -18.60
N TYR A 53 -3.60 29.24 -19.62
CA TYR A 53 -2.86 30.51 -19.53
C TYR A 53 -3.68 31.71 -20.04
N GLY A 54 -4.94 31.47 -20.40
CA GLY A 54 -5.83 32.53 -20.87
C GLY A 54 -5.72 32.87 -22.34
N LYS A 55 -5.03 32.02 -23.11
CA LYS A 55 -4.94 32.21 -24.57
C LYS A 55 -6.15 31.60 -25.28
N PRO A 56 -6.76 32.35 -26.21
CA PRO A 56 -7.98 31.88 -26.86
C PRO A 56 -7.76 30.67 -27.76
N CYS A 57 -8.75 29.78 -27.78
CA CYS A 57 -8.70 28.57 -28.59
C CYS A 57 -9.95 28.44 -29.45
N THR A 58 -9.80 27.79 -30.60
CA THR A 58 -10.96 27.40 -31.39
C THR A 58 -11.20 25.90 -31.22
N ARG A 59 -12.47 25.53 -31.13
CA ARG A 59 -12.84 24.13 -30.99
C ARG A 59 -12.97 23.48 -32.37
N LYS A 60 -12.36 22.30 -32.51
CA LYS A 60 -12.47 21.53 -33.74
C LYS A 60 -13.26 20.25 -33.50
N LEU A 61 -14.41 20.17 -34.15
CA LEU A 61 -15.28 19.01 -34.04
C LEU A 61 -14.92 18.03 -35.16
N PHE A 62 -14.67 16.78 -34.80
CA PHE A 62 -14.29 15.79 -35.80
C PHE A 62 -15.44 14.85 -36.12
N ALA A 63 -15.49 14.40 -37.37
CA ALA A 63 -16.51 13.47 -37.83
C ALA A 63 -16.45 12.15 -37.07
N ASN A 64 -15.26 11.80 -36.59
CA ASN A 64 -15.04 10.58 -35.84
C ASN A 64 -13.70 10.61 -35.09
N MET A 65 -13.50 9.63 -34.22
CA MET A 65 -12.32 9.60 -33.36
C MET A 65 -11.02 9.39 -34.13
N ARG A 66 -11.07 8.61 -35.20
CA ARG A 66 -9.89 8.40 -36.04
C ARG A 66 -9.44 9.69 -36.72
N ASP A 67 -10.39 10.52 -37.16
CA ASP A 67 -10.07 11.83 -37.74
C ASP A 67 -9.34 12.71 -36.74
N ALA A 68 -9.80 12.69 -35.48
CA ALA A 68 -9.19 13.47 -34.40
C ALA A 68 -7.75 13.03 -34.13
N SER A 69 -7.55 11.71 -34.06
CA SER A 69 -6.23 11.14 -33.85
C SER A 69 -5.28 11.50 -35.00
N GLN A 70 -5.79 11.44 -36.22
CA GLN A 70 -5.02 11.83 -37.40
C GLN A 70 -4.65 13.31 -37.40
N TRP A 71 -5.56 14.15 -36.89
CA TRP A 71 -5.30 15.58 -36.78
C TRP A 71 -4.15 15.88 -35.81
N ILE A 72 -4.14 15.18 -34.67
CA ILE A 72 -3.05 15.32 -33.70
C ILE A 72 -1.71 15.04 -34.38
N LYS A 73 -1.64 13.94 -35.15
CA LYS A 73 -0.43 13.57 -35.90
C LYS A 73 0.04 14.68 -36.85
N ARG A 74 -0.90 15.22 -37.62
CA ARG A 74 -0.57 16.29 -38.58
C ARG A 74 -0.15 17.58 -37.88
N MET A 75 -0.75 17.86 -36.72
CA MET A 75 -0.32 19.01 -35.92
C MET A 75 1.12 18.88 -35.44
N GLU A 76 1.53 17.65 -35.11
CA GLU A 76 2.93 17.35 -34.79
C GLU A 76 3.82 17.56 -36.02
N ASP A 77 3.34 17.09 -37.18
CA ASP A 77 4.07 17.28 -38.46
C ASP A 77 4.29 18.76 -38.76
N ILE A 78 3.30 19.59 -38.48
CA ILE A 78 3.39 21.02 -38.73
C ILE A 78 4.26 21.71 -37.65
N GLY A 79 4.13 21.25 -36.41
CA GLY A 79 4.87 21.81 -35.28
C GLY A 79 4.01 22.71 -34.42
N LEU A 80 2.74 22.34 -34.26
CA LEU A 80 1.79 23.14 -33.48
C LEU A 80 1.11 22.29 -32.41
N GLU A 81 0.80 22.94 -31.29
CA GLU A 81 0.15 22.27 -30.17
C GLU A 81 -1.28 21.85 -30.53
N ALA A 82 -1.58 20.57 -30.30
CA ALA A 82 -2.93 20.06 -30.44
C ALA A 82 -3.50 19.90 -29.02
N LEU A 83 -4.36 20.84 -28.63
CA LEU A 83 -4.87 20.89 -27.25
C LEU A 83 -6.13 20.05 -27.04
N GLY A 84 -6.40 19.70 -25.79
CA GLY A 84 -7.60 18.93 -25.44
C GLY A 84 -7.34 17.52 -24.97
N MET A 85 -8.40 16.88 -24.48
CA MET A 85 -8.33 15.48 -23.99
C MET A 85 -8.22 14.50 -25.15
N ASP A 86 -7.03 13.93 -25.29
CA ASP A 86 -6.70 13.03 -26.40
C ASP A 86 -7.12 11.59 -26.14
N ASP A 87 -7.40 11.27 -24.87
CA ASP A 87 -8.03 10.00 -24.52
C ASP A 87 -9.53 10.20 -24.64
N PHE A 88 -10.09 9.83 -25.78
CA PHE A 88 -11.47 10.20 -26.10
C PHE A 88 -12.51 9.59 -25.17
N LYS A 89 -12.22 8.43 -24.61
CA LYS A 89 -13.19 7.85 -23.68
C LYS A 89 -13.35 8.66 -22.39
N LEU A 90 -12.28 9.33 -21.95
CA LEU A 90 -12.39 10.26 -20.83
C LEU A 90 -13.25 11.46 -21.18
N ALA A 91 -13.13 11.94 -22.42
CA ALA A 91 -13.95 13.05 -22.89
C ALA A 91 -15.41 12.60 -22.99
N TYR A 92 -15.62 11.39 -23.49
CA TYR A 92 -16.96 10.80 -23.55
C TYR A 92 -17.61 10.77 -22.15
N LEU A 93 -16.88 10.25 -21.16
CA LEU A 93 -17.41 10.16 -19.80
C LEU A 93 -17.72 11.54 -19.23
N SER A 94 -16.86 12.50 -19.54
CA SER A 94 -17.03 13.85 -19.06
C SER A 94 -18.30 14.51 -19.63
N ASP A 95 -18.60 14.22 -20.89
CA ASP A 95 -19.80 14.72 -21.57
C ASP A 95 -21.07 14.01 -21.13
N THR A 96 -20.98 12.69 -20.94
CA THR A 96 -22.13 11.85 -20.64
C THR A 96 -22.51 11.92 -19.15
N TYR A 97 -21.53 12.18 -18.30
CA TYR A 97 -21.73 12.24 -16.85
C TYR A 97 -21.24 13.57 -16.28
N ASN A 98 -21.89 14.64 -16.71
CA ASN A 98 -21.48 15.99 -16.32
C ASN A 98 -22.09 16.40 -14.98
N TYR A 99 -21.79 15.60 -13.95
CA TYR A 99 -22.22 15.82 -12.57
C TYR A 99 -21.40 14.90 -11.66
N GLU A 100 -21.43 15.16 -10.35
CA GLU A 100 -20.77 14.27 -9.41
C GLU A 100 -21.48 12.91 -9.43
N ILE A 101 -20.76 11.87 -9.80
CA ILE A 101 -21.36 10.54 -9.93
C ILE A 101 -21.73 9.96 -8.57
N LYS A 102 -22.99 9.57 -8.47
CA LYS A 102 -23.50 8.81 -7.34
C LYS A 102 -23.69 7.40 -7.88
N TYR A 103 -22.91 6.45 -7.34
CA TYR A 103 -23.02 5.07 -7.80
C TYR A 103 -23.65 4.19 -6.72
N ASP A 104 -24.23 3.09 -7.16
CA ASP A 104 -24.86 2.13 -6.30
C ASP A 104 -24.11 0.81 -6.50
N HIS A 105 -23.27 0.46 -5.53
CA HIS A 105 -22.42 -0.73 -5.63
C HIS A 105 -23.22 -2.03 -5.80
N THR A 106 -24.46 -2.04 -5.31
CA THR A 106 -25.29 -3.26 -5.35
C THR A 106 -25.70 -3.63 -6.78
N LYS A 107 -25.59 -2.68 -7.69
CA LYS A 107 -25.91 -2.88 -9.12
C LYS A 107 -24.68 -3.23 -9.95
N ILE A 108 -23.50 -3.15 -9.33
CA ILE A 108 -22.25 -3.44 -10.04
C ILE A 108 -21.88 -4.90 -9.84
N ARG A 109 -21.76 -5.64 -10.95
CA ARG A 109 -21.43 -7.06 -10.87
C ARG A 109 -19.94 -7.24 -10.61
N VAL A 110 -19.60 -7.63 -9.38
CA VAL A 110 -18.20 -7.87 -9.01
C VAL A 110 -18.01 -9.37 -8.96
N ALA A 111 -17.13 -9.88 -9.82
CA ALA A 111 -16.87 -11.31 -9.87
C ALA A 111 -15.48 -11.63 -9.30
N ASN A 112 -15.45 -12.65 -8.45
CA ASN A 112 -14.23 -13.15 -7.82
CA ASN A 112 -14.22 -13.14 -7.84
C ASN A 112 -14.07 -14.59 -8.28
N PHE A 113 -12.99 -14.91 -8.98
CA PHE A 113 -12.82 -16.30 -9.46
C PHE A 113 -11.42 -16.87 -9.29
N ASP A 114 -11.35 -18.19 -9.38
CA ASP A 114 -10.09 -18.94 -9.25
C ASP A 114 -10.23 -20.24 -10.01
N ILE A 115 -9.17 -20.62 -10.72
CA ILE A 115 -9.20 -21.88 -11.46
C ILE A 115 -8.15 -22.85 -10.94
N GLU A 116 -8.38 -24.13 -11.21
CA GLU A 116 -7.39 -25.18 -10.93
C GLU A 116 -7.01 -25.85 -12.25
N VAL A 117 -5.73 -26.18 -12.37
CA VAL A 117 -5.18 -26.83 -13.55
C VAL A 117 -4.16 -27.88 -13.09
N THR A 118 -4.51 -29.15 -13.20
CA THR A 118 -3.59 -30.23 -12.85
C THR A 118 -2.49 -30.30 -13.92
N SER A 119 -1.23 -30.28 -13.49
CA SER A 119 -0.11 -30.33 -14.42
C SER A 119 1.00 -31.25 -13.91
N PRO A 120 1.28 -32.34 -14.66
CA PRO A 120 2.32 -33.29 -14.26
C PRO A 120 3.75 -32.82 -14.56
N ASP A 121 3.90 -31.82 -15.43
CA ASP A 121 5.23 -31.40 -15.90
C ASP A 121 5.60 -29.95 -15.53
N GLY A 122 5.34 -29.57 -14.28
CA GLY A 122 5.71 -28.25 -13.79
C GLY A 122 4.59 -27.24 -13.89
N PHE A 123 4.94 -25.97 -13.74
CA PHE A 123 3.95 -24.87 -13.75
C PHE A 123 3.23 -24.79 -15.10
N PRO A 124 1.88 -24.78 -15.07
CA PRO A 124 1.09 -24.70 -16.29
C PRO A 124 1.07 -23.28 -16.88
N GLU A 125 1.96 -23.03 -17.84
CA GLU A 125 2.11 -21.71 -18.45
C GLU A 125 0.84 -21.25 -19.18
N PRO A 126 0.30 -20.08 -18.77
CA PRO A 126 -0.92 -19.54 -19.35
C PRO A 126 -0.86 -19.32 -20.86
N SER A 127 0.32 -18.96 -21.38
CA SER A 127 0.47 -18.73 -22.82
C SER A 127 0.34 -20.00 -23.66
N GLN A 128 0.68 -21.14 -23.05
CA GLN A 128 0.61 -22.44 -23.71
CA GLN A 128 0.60 -22.43 -23.72
C GLN A 128 -0.74 -23.10 -23.47
N ALA A 129 -1.23 -23.00 -22.23
CA ALA A 129 -2.49 -23.61 -21.79
C ALA A 129 -2.68 -25.04 -22.30
N LYS A 130 -1.69 -25.90 -22.04
CA LYS A 130 -1.67 -27.25 -22.60
C LYS A 130 -2.41 -28.27 -21.74
N HIS A 131 -2.81 -27.88 -20.53
CA HIS A 131 -3.49 -28.77 -19.61
C HIS A 131 -4.96 -28.40 -19.37
N PRO A 132 -5.81 -29.40 -19.15
CA PRO A 132 -7.23 -29.14 -18.89
C PRO A 132 -7.45 -28.23 -17.68
N ILE A 133 -8.44 -27.35 -17.79
CA ILE A 133 -8.95 -26.64 -16.63
C ILE A 133 -9.90 -27.62 -15.94
N ASP A 134 -9.58 -28.01 -14.71
CA ASP A 134 -10.39 -29.03 -14.02
C ASP A 134 -11.28 -28.52 -12.87
N ALA A 135 -11.18 -27.22 -12.56
CA ALA A 135 -12.09 -26.57 -11.61
C ALA A 135 -12.11 -25.07 -11.83
N ILE A 136 -13.31 -24.49 -11.76
CA ILE A 136 -13.47 -23.03 -11.65
C ILE A 136 -14.48 -22.75 -10.55
N THR A 137 -14.12 -21.88 -9.61
CA THR A 137 -15.11 -21.33 -8.69
C THR A 137 -15.20 -19.84 -8.99
N HIS A 138 -16.43 -19.39 -9.23
CA HIS A 138 -16.72 -18.04 -9.67
C HIS A 138 -17.82 -17.48 -8.77
N TYR A 139 -17.44 -16.55 -7.90
CA TYR A 139 -18.40 -15.88 -7.02
C TYR A 139 -18.94 -14.62 -7.70
N ASP A 140 -20.26 -14.48 -7.67
CA ASP A 140 -20.94 -13.33 -8.26
C ASP A 140 -21.57 -12.49 -7.16
N SER A 141 -21.22 -11.21 -7.10
CA SER A 141 -21.65 -10.34 -6.00
C SER A 141 -23.14 -9.99 -6.02
N ILE A 142 -23.74 -10.00 -7.21
CA ILE A 142 -25.18 -9.70 -7.35
C ILE A 142 -26.04 -10.89 -6.86
N ASP A 143 -25.68 -12.09 -7.30
CA ASP A 143 -26.36 -13.30 -6.84
C ASP A 143 -25.96 -13.68 -5.40
N ASP A 144 -24.76 -13.26 -4.99
CA ASP A 144 -24.16 -13.71 -3.74
C ASP A 144 -24.08 -15.25 -3.72
N ARG A 145 -23.56 -15.81 -4.80
CA ARG A 145 -23.42 -17.26 -4.93
C ARG A 145 -22.05 -17.63 -5.46
N PHE A 146 -21.56 -18.78 -4.99
CA PHE A 146 -20.33 -19.38 -5.51
C PHE A 146 -20.70 -20.45 -6.53
N TYR A 147 -20.40 -20.17 -7.79
CA TYR A 147 -20.66 -21.10 -8.88
C TYR A 147 -19.44 -21.96 -9.10
N VAL A 148 -19.62 -23.26 -8.90
CA VAL A 148 -18.50 -24.21 -8.93
C VAL A 148 -18.65 -25.12 -10.13
N PHE A 149 -17.65 -25.07 -11.01
CA PHE A 149 -17.59 -25.88 -12.22
C PHE A 149 -16.51 -26.91 -12.02
N ASP A 150 -16.91 -28.19 -11.94
CA ASP A 150 -16.02 -29.28 -11.51
C ASP A 150 -15.86 -30.32 -12.62
N LEU A 151 -14.64 -30.53 -13.08
CA LEU A 151 -14.38 -31.50 -14.14
C LEU A 151 -14.16 -32.90 -13.55
N LEU A 152 -15.06 -33.82 -13.88
CA LEU A 152 -14.97 -35.16 -13.30
C LEU A 152 -14.11 -36.12 -14.13
N ASN A 153 -14.02 -35.87 -15.44
CA ASN A 153 -13.25 -36.71 -16.34
C ASN A 153 -12.14 -35.93 -17.05
N SER A 154 -10.91 -36.38 -16.86
CA SER A 154 -9.72 -35.75 -17.40
C SER A 154 -8.72 -36.81 -17.84
N PRO A 155 -7.80 -36.46 -18.78
CA PRO A 155 -6.69 -37.37 -19.08
C PRO A 155 -5.77 -37.61 -17.87
N TYR A 156 -5.87 -36.76 -16.85
CA TYR A 156 -5.09 -36.92 -15.63
C TYR A 156 -5.90 -37.59 -14.51
N GLY A 157 -7.07 -38.12 -14.85
CA GLY A 157 -7.84 -38.92 -13.91
C GLY A 157 -9.33 -38.66 -13.92
N ASN A 158 -10.10 -39.73 -13.71
CA ASN A 158 -11.53 -39.64 -13.51
C ASN A 158 -11.84 -39.68 -12.02
N VAL A 159 -12.74 -38.79 -11.59
CA VAL A 159 -13.04 -38.65 -10.16
C VAL A 159 -14.54 -38.65 -9.89
N GLU A 160 -14.91 -38.83 -8.63
CA GLU A 160 -16.30 -38.77 -8.20
C GLU A 160 -16.69 -37.33 -7.93
N GLU A 161 -17.99 -37.07 -7.85
CA GLU A 161 -18.49 -35.73 -7.52
C GLU A 161 -18.02 -35.28 -6.15
N TRP A 162 -17.77 -33.98 -6.04
CA TRP A 162 -17.51 -33.34 -4.75
C TRP A 162 -18.77 -33.41 -3.89
N SER A 163 -18.58 -33.65 -2.59
CA SER A 163 -19.68 -33.74 -1.64
C SER A 163 -19.74 -32.50 -0.75
N ILE A 164 -20.84 -31.75 -0.85
CA ILE A 164 -21.05 -30.57 0.01
C ILE A 164 -21.19 -30.96 1.49
N GLU A 165 -21.68 -32.18 1.74
CA GLU A 165 -21.84 -32.69 3.10
C GLU A 165 -20.49 -32.90 3.78
N ILE A 166 -19.57 -33.55 3.08
CA ILE A 166 -18.20 -33.74 3.60
C ILE A 166 -17.46 -32.39 3.68
N ALA A 167 -17.68 -31.53 2.69
CA ALA A 167 -17.03 -30.22 2.66
C ALA A 167 -17.30 -29.41 3.93
N ALA A 168 -18.54 -29.48 4.41
CA ALA A 168 -19.02 -28.72 5.57
C ALA A 168 -18.43 -29.22 6.90
N LYS A 169 -18.05 -30.50 6.94
CA LYS A 169 -17.63 -31.12 8.19
C LYS A 169 -16.27 -30.63 8.66
N LEU A 170 -16.03 -30.73 9.97
CA LEU A 170 -14.73 -30.42 10.56
C LEU A 170 -13.64 -31.29 9.96
N GLN A 171 -12.41 -30.79 9.94
CA GLN A 171 -11.25 -31.60 9.53
C GLN A 171 -11.18 -32.87 10.39
N GLU A 172 -11.59 -32.75 11.65
CA GLU A 172 -11.58 -33.85 12.61
C GLU A 172 -12.66 -34.91 12.35
N GLN A 173 -13.58 -34.60 11.43
CA GLN A 173 -14.59 -35.55 10.95
C GLN A 173 -14.19 -36.10 9.59
N GLY A 174 -13.05 -35.64 9.07
CA GLY A 174 -12.59 -35.99 7.74
C GLY A 174 -13.08 -35.02 6.68
N GLY A 175 -13.64 -33.90 7.14
CA GLY A 175 -14.17 -32.88 6.24
C GLY A 175 -13.17 -31.81 5.84
N ASP A 176 -13.64 -30.80 5.12
CA ASP A 176 -12.77 -29.76 4.58
C ASP A 176 -12.93 -28.40 5.26
N GLU A 177 -13.87 -28.31 6.18
CA GLU A 177 -14.20 -27.06 6.90
C GLU A 177 -14.49 -25.87 6.01
N VAL A 178 -15.26 -26.09 4.94
CA VAL A 178 -15.80 -24.98 4.16
C VAL A 178 -16.73 -24.22 5.11
N PRO A 179 -16.45 -22.92 5.33
CA PRO A 179 -17.18 -22.15 6.34
C PRO A 179 -18.69 -22.27 6.19
N SER A 180 -19.36 -22.52 7.31
CA SER A 180 -20.80 -22.77 7.33
C SER A 180 -21.61 -21.63 6.68
N GLU A 181 -21.10 -20.40 6.80
CA GLU A 181 -21.81 -19.22 6.28
C GLU A 181 -21.86 -19.14 4.74
N ILE A 182 -21.09 -19.97 4.05
CA ILE A 182 -21.14 -20.00 2.58
C ILE A 182 -21.71 -21.29 2.00
N ILE A 183 -21.89 -22.30 2.84
CA ILE A 183 -22.40 -23.60 2.40
C ILE A 183 -23.69 -23.48 1.57
N ASP A 184 -24.66 -22.74 2.09
CA ASP A 184 -25.94 -22.52 1.39
C ASP A 184 -25.84 -21.65 0.14
N LYS A 185 -24.66 -21.08 -0.11
CA LYS A 185 -24.46 -20.16 -1.24
C LYS A 185 -23.68 -20.81 -2.39
N ILE A 186 -23.41 -22.11 -2.28
CA ILE A 186 -22.68 -22.83 -3.32
C ILE A 186 -23.62 -23.49 -4.32
N ILE A 187 -23.37 -23.22 -5.60
CA ILE A 187 -24.11 -23.85 -6.67
C ILE A 187 -23.11 -24.72 -7.42
N TYR A 188 -23.27 -26.03 -7.27
CA TYR A 188 -22.30 -27.00 -7.73
C TYR A 188 -22.69 -27.67 -9.05
N MET A 189 -21.79 -27.59 -10.03
CA MET A 189 -22.04 -28.12 -11.36
C MET A 189 -20.91 -29.06 -11.80
N PRO A 190 -21.17 -30.39 -11.79
CA PRO A 190 -20.17 -31.32 -12.27
C PRO A 190 -20.24 -31.51 -13.79
N PHE A 191 -19.10 -31.81 -14.40
CA PHE A 191 -19.03 -31.98 -15.86
C PHE A 191 -18.29 -33.23 -16.27
N ASP A 192 -18.83 -33.88 -17.31
CA ASP A 192 -18.32 -35.12 -17.86
C ASP A 192 -17.10 -34.91 -18.77
N ASN A 193 -16.93 -33.69 -19.26
CA ASN A 193 -15.81 -33.36 -20.12
C ASN A 193 -15.52 -31.86 -20.10
N GLU A 194 -14.28 -31.51 -20.43
CA GLU A 194 -13.82 -30.13 -20.33
C GLU A 194 -14.50 -29.19 -21.33
N LYS A 195 -14.78 -29.69 -22.53
CA LYS A 195 -15.49 -28.89 -23.53
C LYS A 195 -16.85 -28.42 -23.03
N GLU A 196 -17.60 -29.33 -22.41
CA GLU A 196 -18.90 -29.00 -21.80
C GLU A 196 -18.76 -27.98 -20.67
N LEU A 197 -17.76 -28.19 -19.82
CA LEU A 197 -17.48 -27.28 -18.70
C LEU A 197 -17.26 -25.85 -19.24
N LEU A 198 -16.38 -25.73 -20.24
CA LEU A 198 -16.02 -24.41 -20.77
C LEU A 198 -17.15 -23.74 -21.55
N MET A 199 -17.92 -24.52 -22.29
CA MET A 199 -19.05 -23.96 -23.03
C MET A 199 -20.09 -23.42 -22.06
N GLU A 200 -20.36 -24.18 -20.99
CA GLU A 200 -21.29 -23.75 -19.96
C GLU A 200 -20.77 -22.52 -19.22
N TYR A 201 -19.45 -22.51 -18.96
CA TYR A 201 -18.83 -21.35 -18.29
C TYR A 201 -19.02 -20.08 -19.12
N LEU A 202 -18.82 -20.19 -20.43
CA LEU A 202 -19.01 -19.05 -21.31
C LEU A 202 -20.46 -18.57 -21.38
N ASN A 203 -21.41 -19.51 -21.40
CA ASN A 203 -22.83 -19.15 -21.38
C ASN A 203 -23.21 -18.46 -20.07
N PHE A 204 -22.62 -18.93 -18.98
CA PHE A 204 -22.81 -18.37 -17.66
C PHE A 204 -22.25 -16.95 -17.63
N TRP A 205 -21.04 -16.79 -18.16
CA TRP A 205 -20.36 -15.50 -18.27
C TRP A 205 -21.18 -14.49 -19.08
N GLN A 206 -21.81 -14.96 -20.16
CA GLN A 206 -22.66 -14.09 -20.97
CA GLN A 206 -22.67 -14.11 -20.99
C GLN A 206 -23.86 -13.60 -20.17
N GLN A 207 -24.43 -14.48 -19.35
CA GLN A 207 -25.59 -14.13 -18.54
C GLN A 207 -25.22 -13.20 -17.38
N LYS A 208 -24.02 -13.42 -16.82
CA LYS A 208 -23.59 -12.71 -15.61
C LYS A 208 -22.21 -12.12 -15.86
N THR A 209 -22.14 -11.18 -16.80
CA THR A 209 -20.86 -10.66 -17.28
C THR A 209 -20.23 -9.74 -16.23
N PRO A 210 -19.03 -10.11 -15.75
CA PRO A 210 -18.40 -9.28 -14.71
C PRO A 210 -18.21 -7.85 -15.21
N VAL A 211 -18.40 -6.90 -14.30
CA VAL A 211 -17.99 -5.52 -14.51
C VAL A 211 -16.60 -5.36 -13.89
N ILE A 212 -16.50 -5.66 -12.58
CA ILE A 212 -15.21 -5.73 -11.90
C ILE A 212 -14.85 -7.20 -11.80
N LEU A 213 -13.66 -7.53 -12.26
CA LEU A 213 -13.18 -8.90 -12.23
C LEU A 213 -11.94 -8.96 -11.37
N THR A 214 -11.98 -9.80 -10.34
CA THR A 214 -10.90 -9.87 -9.38
C THR A 214 -10.65 -11.33 -8.95
N GLY A 215 -9.75 -11.51 -8.00
CA GLY A 215 -9.30 -12.82 -7.58
C GLY A 215 -7.83 -12.67 -7.26
N TRP A 216 -7.12 -13.78 -7.10
CA TRP A 216 -5.70 -13.72 -6.72
C TRP A 216 -4.83 -14.18 -7.89
N ASN A 217 -4.02 -13.26 -8.40
CA ASN A 217 -3.20 -13.47 -9.61
C ASN A 217 -4.04 -13.74 -10.86
N VAL A 218 -5.28 -13.25 -10.89
CA VAL A 218 -6.14 -13.48 -12.05
C VAL A 218 -5.63 -12.84 -13.35
N GLU A 219 -4.98 -11.67 -13.23
CA GLU A 219 -4.49 -10.98 -14.44
C GLU A 219 -3.30 -11.69 -15.04
N SER A 220 -2.45 -12.27 -14.19
CA SER A 220 -1.24 -12.93 -14.68
C SER A 220 -1.43 -14.43 -14.92
N PHE A 221 -2.39 -15.04 -14.23
CA PHE A 221 -2.64 -16.47 -14.42
C PHE A 221 -4.05 -16.86 -14.90
N ALA A 222 -5.07 -16.66 -14.07
CA ALA A 222 -6.40 -17.22 -14.38
C ALA A 222 -6.98 -16.74 -15.71
N ILE A 223 -6.95 -15.43 -15.94
CA ILE A 223 -7.54 -14.86 -17.16
C ILE A 223 -6.80 -15.33 -18.43
N PRO A 224 -5.47 -15.16 -18.49
CA PRO A 224 -4.77 -15.65 -19.68
C PRO A 224 -4.89 -17.16 -19.86
N TYR A 225 -4.93 -17.92 -18.76
CA TYR A 225 -5.08 -19.38 -18.89
C TYR A 225 -6.43 -19.75 -19.48
N VAL A 226 -7.50 -19.18 -18.93
CA VAL A 226 -8.85 -19.46 -19.43
C VAL A 226 -8.97 -19.03 -20.89
N TYR A 227 -8.48 -17.84 -21.20
CA TYR A 227 -8.55 -17.31 -22.57
C TYR A 227 -7.80 -18.23 -23.55
N ASN A 228 -6.57 -18.59 -23.20
CA ASN A 228 -5.75 -19.40 -24.09
C ASN A 228 -6.20 -20.85 -24.20
N ARG A 229 -6.75 -21.39 -23.11
CA ARG A 229 -7.28 -22.76 -23.14
C ARG A 229 -8.51 -22.84 -24.04
N ILE A 230 -9.41 -21.86 -23.90
CA ILE A 230 -10.59 -21.80 -24.77
C ILE A 230 -10.16 -21.58 -26.23
N LYS A 231 -9.17 -20.70 -26.43
CA LYS A 231 -8.64 -20.44 -27.77
C LYS A 231 -8.08 -21.71 -28.41
N ASN A 232 -7.36 -22.50 -27.62
CA ASN A 232 -6.76 -23.75 -28.09
C ASN A 232 -7.78 -24.81 -28.46
N ILE A 233 -8.86 -24.90 -27.68
CA ILE A 233 -9.86 -25.94 -27.87
C ILE A 233 -10.88 -25.54 -28.94
N PHE A 234 -11.32 -24.28 -28.91
CA PHE A 234 -12.44 -23.83 -29.75
C PHE A 234 -12.09 -22.81 -30.84
N GLY A 235 -10.95 -22.14 -30.72
CA GLY A 235 -10.61 -21.07 -31.64
C GLY A 235 -10.78 -19.70 -31.00
N GLU A 236 -10.22 -18.68 -31.65
CA GLU A 236 -10.20 -17.31 -31.14
C GLU A 236 -11.56 -16.70 -30.85
N SER A 237 -12.51 -16.88 -31.77
CA SER A 237 -13.82 -16.20 -31.65
C SER A 237 -14.55 -16.59 -30.37
N THR A 238 -14.43 -17.86 -30.00
CA THR A 238 -15.06 -18.35 -28.78
C THR A 238 -14.40 -17.79 -27.53
N ALA A 239 -13.06 -17.70 -27.56
CA ALA A 239 -12.30 -17.14 -26.44
C ALA A 239 -12.62 -15.66 -26.21
N LYS A 240 -12.92 -14.96 -27.31
CA LYS A 240 -13.23 -13.53 -27.24
CA LYS A 240 -13.23 -13.53 -27.24
C LYS A 240 -14.60 -13.25 -26.62
N ARG A 241 -15.38 -14.31 -26.39
CA ARG A 241 -16.67 -14.16 -25.68
C ARG A 241 -16.47 -13.77 -24.21
N LEU A 242 -15.23 -13.82 -23.74
CA LEU A 242 -14.89 -13.28 -22.42
C LEU A 242 -14.99 -11.75 -22.37
N SER A 243 -15.00 -11.13 -23.54
CA SER A 243 -15.26 -9.70 -23.67
C SER A 243 -16.70 -9.48 -24.09
N PRO A 244 -17.43 -8.60 -23.38
CA PRO A 244 -18.82 -8.34 -23.79
C PRO A 244 -18.92 -7.68 -25.18
N HIS A 245 -17.82 -7.10 -25.65
CA HIS A 245 -17.76 -6.52 -26.99
C HIS A 245 -16.98 -7.38 -27.98
N ARG A 246 -16.67 -8.61 -27.57
CA ARG A 246 -15.91 -9.58 -28.39
C ARG A 246 -14.57 -9.04 -28.89
N LYS A 247 -13.96 -8.15 -28.12
CA LYS A 247 -12.65 -7.63 -28.45
C LYS A 247 -11.67 -7.88 -27.33
N THR A 248 -10.51 -8.42 -27.70
CA THR A 248 -9.43 -8.64 -26.76
C THR A 248 -8.10 -8.25 -27.40
N ARG A 249 -7.12 -7.99 -26.57
CA ARG A 249 -5.77 -7.71 -27.04
C ARG A 249 -4.79 -8.37 -26.10
N VAL A 250 -3.76 -8.98 -26.68
CA VAL A 250 -2.61 -9.38 -25.87
C VAL A 250 -1.84 -8.10 -25.56
N LYS A 251 -1.69 -7.80 -24.28
CA LYS A 251 -0.91 -6.63 -23.85
C LYS A 251 0.42 -7.06 -23.25
N VAL A 252 1.49 -6.45 -23.75
CA VAL A 252 2.84 -6.73 -23.28
C VAL A 252 3.21 -5.75 -22.15
N ILE A 253 3.37 -6.30 -20.96
CA ILE A 253 3.78 -5.52 -19.80
C ILE A 253 5.30 -5.60 -19.69
N GLU A 254 5.96 -4.45 -19.85
CA GLU A 254 7.41 -4.39 -19.83
C GLU A 254 7.96 -3.81 -18.53
N ASN A 255 9.02 -4.43 -18.02
CA ASN A 255 9.78 -3.86 -16.90
C ASN A 255 11.27 -3.71 -17.23
N MET A 256 12.07 -3.41 -16.22
CA MET A 256 13.49 -3.14 -16.37
C MET A 256 14.28 -4.34 -16.94
N TYR A 257 13.85 -5.56 -16.64
CA TYR A 257 14.61 -6.76 -17.02
C TYR A 257 13.77 -7.84 -17.72
N GLY A 258 12.83 -7.43 -18.57
CA GLY A 258 12.02 -8.37 -19.33
C GLY A 258 10.57 -7.96 -19.49
N SER A 259 9.76 -8.85 -20.07
CA SER A 259 8.34 -8.56 -20.28
C SER A 259 7.46 -9.80 -20.10
N ARG A 260 6.14 -9.56 -19.98
CA ARG A 260 5.15 -10.62 -19.82
C ARG A 260 3.85 -10.22 -20.52
N GLU A 261 3.00 -11.21 -20.80
CA GLU A 261 1.76 -10.98 -21.53
C GLU A 261 0.52 -11.13 -20.64
N ILE A 262 -0.41 -10.20 -20.78
CA ILE A 262 -1.72 -10.31 -20.17
C ILE A 262 -2.76 -10.17 -21.28
N ILE A 263 -4.00 -10.50 -20.97
CA ILE A 263 -5.07 -10.40 -21.95
C ILE A 263 -5.99 -9.27 -21.53
N THR A 264 -6.08 -8.25 -22.38
CA THR A 264 -7.02 -7.17 -22.14
C THR A 264 -8.39 -7.60 -22.66
N LEU A 265 -9.36 -7.60 -21.75
CA LEU A 265 -10.74 -7.92 -22.09
C LEU A 265 -11.53 -6.63 -22.18
N PHE A 266 -11.79 -6.17 -23.40
CA PHE A 266 -12.51 -4.92 -23.60
C PHE A 266 -13.90 -5.03 -22.97
N GLY A 267 -14.27 -4.01 -22.20
CA GLY A 267 -15.58 -4.00 -21.55
C GLY A 267 -15.61 -4.65 -20.18
N ILE A 268 -14.45 -5.06 -19.69
CA ILE A 268 -14.32 -5.57 -18.31
C ILE A 268 -13.24 -4.75 -17.61
N SER A 269 -13.42 -4.52 -16.31
CA SER A 269 -12.40 -3.84 -15.51
C SER A 269 -11.72 -4.84 -14.57
N VAL A 270 -10.50 -5.26 -14.94
CA VAL A 270 -9.79 -6.25 -14.13
C VAL A 270 -9.01 -5.53 -13.03
N LEU A 271 -9.35 -5.86 -11.78
CA LEU A 271 -8.61 -5.39 -10.60
C LEU A 271 -8.09 -6.61 -9.86
N ASP A 272 -6.92 -7.10 -10.26
CA ASP A 272 -6.35 -8.29 -9.65
C ASP A 272 -6.13 -7.96 -8.16
N TYR A 273 -6.61 -8.81 -7.25
CA TYR A 273 -6.53 -8.46 -5.83
C TYR A 273 -5.10 -8.41 -5.31
N ILE A 274 -4.20 -9.20 -5.91
CA ILE A 274 -2.80 -9.12 -5.50
C ILE A 274 -2.26 -7.71 -5.75
N ASP A 275 -2.68 -7.11 -6.87
CA ASP A 275 -2.23 -5.77 -7.23
C ASP A 275 -2.90 -4.68 -6.40
N LEU A 276 -4.20 -4.85 -6.12
CA LEU A 276 -4.88 -3.97 -5.18
C LEU A 276 -4.17 -4.01 -3.82
N TYR A 277 -3.87 -5.22 -3.36
CA TYR A 277 -3.20 -5.40 -2.09
C TYR A 277 -1.82 -4.72 -2.06
N LYS A 278 -1.02 -4.93 -3.09
CA LYS A 278 0.30 -4.32 -3.14
C LYS A 278 0.23 -2.80 -3.16
N LYS A 279 -0.77 -2.24 -3.83
CA LYS A 279 -0.87 -0.78 -3.93
C LYS A 279 -1.46 -0.16 -2.66
N PHE A 280 -2.49 -0.79 -2.13
CA PHE A 280 -3.33 -0.15 -1.11
C PHE A 280 -3.09 -0.57 0.34
N SER A 281 -2.35 -1.67 0.56
CA SER A 281 -2.22 -2.23 1.91
C SER A 281 -1.15 -1.59 2.80
N PHE A 282 -0.16 -0.96 2.16
CA PHE A 282 1.02 -0.42 2.85
C PHE A 282 1.71 -1.45 3.75
N THR A 283 1.87 -2.64 3.17
CA THR A 283 2.69 -3.69 3.75
C THR A 283 3.77 -4.02 2.73
N ASN A 284 4.84 -4.65 3.19
CA ASN A 284 5.73 -5.36 2.28
C ASN A 284 5.92 -6.75 2.88
N GLN A 285 5.41 -7.74 2.17
CA GLN A 285 5.31 -9.09 2.70
C GLN A 285 6.43 -9.97 2.18
N PRO A 286 6.89 -10.94 3.00
CA PRO A 286 7.91 -11.90 2.55
C PRO A 286 7.39 -12.84 1.46
N SER A 287 6.08 -13.02 1.39
CA SER A 287 5.45 -13.86 0.38
C SER A 287 4.08 -13.30 0.01
N TYR A 288 3.69 -13.47 -1.25
CA TYR A 288 2.33 -13.08 -1.69
C TYR A 288 1.48 -14.26 -2.14
N SER A 289 1.76 -15.44 -1.60
CA SER A 289 0.85 -16.57 -1.76
C SER A 289 -0.43 -16.23 -1.01
N LEU A 290 -1.56 -16.71 -1.51
CA LEU A 290 -2.83 -16.42 -0.86
C LEU A 290 -2.87 -17.00 0.56
N ASP A 291 -2.30 -18.19 0.74
CA ASP A 291 -2.12 -18.80 2.07
C ASP A 291 -1.47 -17.82 3.03
N TYR A 292 -0.35 -17.25 2.61
CA TYR A 292 0.44 -16.37 3.45
C TYR A 292 -0.32 -15.10 3.82
N ILE A 293 -0.91 -14.47 2.81
CA ILE A 293 -1.62 -13.21 3.02
C ILE A 293 -2.89 -13.44 3.85
N SER A 294 -3.60 -14.53 3.57
CA SER A 294 -4.78 -14.89 4.36
C SER A 294 -4.46 -15.12 5.82
N GLU A 295 -3.35 -15.79 6.11
CA GLU A 295 -2.91 -15.99 7.49
C GLU A 295 -2.59 -14.65 8.15
N PHE A 296 -1.90 -13.79 7.41
CA PHE A 296 -1.53 -12.48 7.91
C PHE A 296 -2.76 -11.59 8.21
N GLU A 297 -3.69 -11.55 7.25
CA GLU A 297 -4.84 -10.65 7.34
C GLU A 297 -5.96 -11.17 8.24
N LEU A 298 -6.18 -12.49 8.22
CA LEU A 298 -7.37 -13.08 8.82
C LEU A 298 -7.12 -14.03 9.99
N ASN A 299 -5.84 -14.37 10.19
CA ASN A 299 -5.44 -15.36 11.21
CA ASN A 299 -5.43 -15.35 11.21
C ASN A 299 -6.08 -16.72 10.98
N VAL A 300 -6.22 -17.10 9.72
CA VAL A 300 -6.70 -18.43 9.34
C VAL A 300 -5.48 -19.31 9.04
N GLY A 301 -5.56 -20.60 9.36
CA GLY A 301 -4.46 -21.52 9.08
C GLY A 301 -4.39 -21.87 7.62
N LYS A 302 -3.19 -22.22 7.14
CA LYS A 302 -3.01 -22.61 5.74
C LYS A 302 -3.84 -23.84 5.39
N LEU A 303 -4.28 -23.92 4.14
CA LEU A 303 -5.02 -25.08 3.66
C LEU A 303 -4.10 -26.29 3.54
N LYS A 304 -4.25 -27.23 4.47
CA LYS A 304 -3.37 -28.39 4.55
C LYS A 304 -3.82 -29.56 3.67
N TYR A 305 -2.87 -30.08 2.90
CA TYR A 305 -3.07 -31.29 2.11
C TYR A 305 -1.78 -32.09 1.99
N ASP A 306 -1.92 -33.39 1.79
CA ASP A 306 -0.77 -34.29 1.61
C ASP A 306 -0.32 -34.32 0.16
N GLY A 307 0.99 -34.39 -0.04
CA GLY A 307 1.58 -34.56 -1.37
C GLY A 307 1.57 -33.31 -2.23
N PRO A 308 2.10 -33.40 -3.46
CA PRO A 308 2.17 -32.25 -4.35
C PRO A 308 0.80 -31.86 -4.93
N ILE A 309 0.66 -30.59 -5.29
CA ILE A 309 -0.57 -30.05 -5.85
C ILE A 309 -0.92 -30.73 -7.18
N SER A 310 0.09 -31.24 -7.87
CA SER A 310 -0.08 -31.95 -9.14
C SER A 310 -0.73 -33.32 -8.98
N LYS A 311 -0.79 -33.81 -7.74
CA LYS A 311 -1.41 -35.11 -7.47
C LYS A 311 -2.64 -35.00 -6.57
N LEU A 312 -2.98 -33.77 -6.17
CA LEU A 312 -4.08 -33.55 -5.24
C LEU A 312 -5.44 -33.94 -5.82
N ARG A 313 -5.68 -33.61 -7.08
CA ARG A 313 -6.97 -33.93 -7.68
C ARG A 313 -7.21 -35.45 -7.70
N GLU A 314 -6.21 -36.22 -8.14
CA GLU A 314 -6.41 -37.66 -8.23
C GLU A 314 -6.43 -38.35 -6.87
N SER A 315 -5.67 -37.84 -5.91
CA SER A 315 -5.60 -38.44 -4.58
C SER A 315 -6.75 -38.01 -3.67
N ASN A 316 -7.18 -36.75 -3.79
CA ASN A 316 -8.20 -36.20 -2.92
C ASN A 316 -8.99 -35.07 -3.59
N HIS A 317 -9.76 -35.45 -4.62
CA HIS A 317 -10.61 -34.51 -5.37
C HIS A 317 -11.57 -33.73 -4.49
N GLN A 318 -12.09 -34.39 -3.45
CA GLN A 318 -12.94 -33.75 -2.46
C GLN A 318 -12.28 -32.50 -1.88
N ARG A 319 -11.06 -32.67 -1.37
CA ARG A 319 -10.29 -31.56 -0.80
C ARG A 319 -9.88 -30.55 -1.88
N TYR A 320 -9.53 -31.06 -3.05
CA TYR A 320 -9.15 -30.24 -4.20
C TYR A 320 -10.21 -29.19 -4.52
N ILE A 321 -11.46 -29.62 -4.62
CA ILE A 321 -12.57 -28.70 -4.92
C ILE A 321 -12.88 -27.79 -3.73
N SER A 322 -12.92 -28.35 -2.53
CA SER A 322 -13.19 -27.54 -1.33
C SER A 322 -12.18 -26.41 -1.20
N TYR A 323 -10.92 -26.70 -1.51
CA TYR A 323 -9.86 -25.69 -1.38
C TYR A 323 -9.92 -24.60 -2.45
N ASN A 324 -10.33 -24.98 -3.66
CA ASN A 324 -10.67 -24.01 -4.72
C ASN A 324 -11.76 -23.03 -4.26
N ILE A 325 -12.82 -23.56 -3.64
CA ILE A 325 -13.92 -22.74 -3.15
C ILE A 325 -13.42 -21.82 -2.04
N ILE A 326 -12.70 -22.40 -1.08
CA ILE A 326 -12.18 -21.63 0.05
C ILE A 326 -11.25 -20.50 -0.40
N ALA A 327 -10.42 -20.76 -1.41
CA ALA A 327 -9.53 -19.75 -1.99
C ALA A 327 -10.29 -18.51 -2.47
N VAL A 328 -11.42 -18.72 -3.14
CA VAL A 328 -12.25 -17.61 -3.59
C VAL A 328 -12.81 -16.84 -2.40
N TYR A 329 -13.31 -17.56 -1.41
CA TYR A 329 -13.86 -16.95 -0.21
C TYR A 329 -12.82 -16.12 0.56
N ARG A 330 -11.59 -16.62 0.65
CA ARG A 330 -10.56 -15.91 1.40
CA ARG A 330 -10.52 -15.94 1.38
C ARG A 330 -10.30 -14.52 0.83
N VAL A 331 -10.35 -14.39 -0.48
CA VAL A 331 -10.18 -13.07 -1.12
C VAL A 331 -11.35 -12.15 -0.73
N LEU A 332 -12.57 -12.71 -0.71
CA LEU A 332 -13.75 -11.95 -0.25
C LEU A 332 -13.63 -11.53 1.21
N GLN A 333 -13.06 -12.40 2.04
CA GLN A 333 -12.84 -12.07 3.45
C GLN A 333 -11.79 -10.97 3.62
N ILE A 334 -10.72 -11.04 2.84
CA ILE A 334 -9.71 -9.98 2.85
C ILE A 334 -10.34 -8.65 2.44
N ASP A 335 -11.19 -8.68 1.41
CA ASP A 335 -11.84 -7.44 0.97
C ASP A 335 -12.87 -6.92 1.96
N ALA A 336 -13.59 -7.80 2.63
CA ALA A 336 -14.52 -7.38 3.69
C ALA A 336 -13.78 -6.56 4.75
N LYS A 337 -12.53 -6.96 5.02
CA LYS A 337 -11.68 -6.27 5.99
C LYS A 337 -11.06 -5.00 5.42
N ARG A 338 -10.34 -5.13 4.30
CA ARG A 338 -9.52 -4.04 3.76
C ARG A 338 -10.31 -3.04 2.91
N GLN A 339 -11.36 -3.53 2.23
CA GLN A 339 -12.27 -2.67 1.45
C GLN A 339 -11.60 -1.96 0.27
N PHE A 340 -10.71 -2.68 -0.41
CA PHE A 340 -10.01 -2.13 -1.55
C PHE A 340 -10.88 -1.98 -2.79
N ILE A 341 -11.87 -2.86 -2.95
CA ILE A 341 -12.81 -2.72 -4.08
C ILE A 341 -13.65 -1.45 -3.92
N ASN A 342 -14.20 -1.26 -2.72
CA ASN A 342 -14.92 -0.02 -2.37
C ASN A 342 -14.08 1.23 -2.65
N LEU A 343 -12.83 1.20 -2.20
CA LEU A 343 -11.88 2.29 -2.46
C LEU A 343 -11.71 2.57 -3.95
N SER A 344 -11.50 1.51 -4.73
CA SER A 344 -11.29 1.61 -6.17
C SER A 344 -12.49 2.25 -6.86
N LEU A 345 -13.69 1.80 -6.49
CA LEU A 345 -14.92 2.37 -7.05
C LEU A 345 -15.06 3.86 -6.67
N ASP A 346 -14.85 4.18 -5.38
CA ASP A 346 -14.89 5.58 -4.92
C ASP A 346 -13.96 6.46 -5.75
N MET A 347 -12.69 6.04 -5.87
CA MET A 347 -11.67 6.84 -6.57
C MET A 347 -11.96 6.94 -8.06
N GLY A 348 -12.36 5.81 -8.65
CA GLY A 348 -12.60 5.74 -10.09
C GLY A 348 -13.76 6.62 -10.53
N TYR A 349 -14.86 6.57 -9.79
CA TYR A 349 -16.03 7.37 -10.14
C TYR A 349 -15.81 8.85 -9.83
N TYR A 350 -15.03 9.12 -8.79
CA TYR A 350 -14.66 10.49 -8.48
C TYR A 350 -13.90 11.14 -9.62
N ALA A 351 -12.95 10.41 -10.20
CA ALA A 351 -12.09 10.93 -11.26
C ALA A 351 -12.74 10.85 -12.64
N LYS A 352 -13.77 10.02 -12.76
CA LYS A 352 -14.42 9.70 -14.05
C LYS A 352 -13.44 8.99 -15.01
N ILE A 353 -12.90 7.88 -14.53
CA ILE A 353 -11.94 7.07 -15.29
C ILE A 353 -12.48 5.63 -15.35
N GLN A 354 -11.89 4.82 -16.24
CA GLN A 354 -12.07 3.38 -16.17
C GLN A 354 -11.62 2.97 -14.77
N ILE A 355 -12.36 2.09 -14.11
CA ILE A 355 -12.06 1.77 -12.71
C ILE A 355 -10.61 1.24 -12.56
N GLN A 356 -10.14 0.47 -13.55
CA GLN A 356 -8.78 -0.09 -13.48
C GLN A 356 -7.69 0.99 -13.54
N SER A 357 -8.05 2.20 -13.94
CA SER A 357 -7.09 3.30 -13.96
C SER A 357 -6.72 3.82 -12.57
N VAL A 358 -7.39 3.33 -11.52
CA VAL A 358 -7.03 3.74 -10.14
C VAL A 358 -5.57 3.35 -9.81
N PHE A 359 -5.02 2.38 -10.54
CA PHE A 359 -3.61 2.00 -10.35
C PHE A 359 -2.64 3.08 -10.80
N SER A 360 -3.12 4.05 -11.59
CA SER A 360 -2.28 5.10 -12.13
C SER A 360 -2.67 6.48 -11.58
N PRO A 361 -1.87 7.02 -10.63
CA PRO A 361 -2.14 8.38 -10.16
C PRO A 361 -2.03 9.42 -11.27
N ILE A 362 -1.19 9.18 -12.28
CA ILE A 362 -1.09 10.10 -13.42
C ILE A 362 -2.39 10.16 -14.22
N LYS A 363 -2.95 9.00 -14.53
CA LYS A 363 -4.23 8.93 -15.25
C LYS A 363 -5.36 9.51 -14.40
N THR A 364 -5.33 9.22 -13.11
CA THR A 364 -6.36 9.67 -12.19
C THR A 364 -6.38 11.20 -12.13
N TRP A 365 -5.21 11.79 -11.90
CA TRP A 365 -5.13 13.24 -11.83
C TRP A 365 -5.36 13.92 -13.17
N ASP A 366 -4.93 13.29 -14.26
CA ASP A 366 -5.22 13.86 -15.58
C ASP A 366 -6.73 14.05 -15.77
N ALA A 367 -7.50 13.03 -15.39
CA ALA A 367 -8.95 13.07 -15.52
C ALA A 367 -9.61 14.07 -14.57
N ILE A 368 -9.15 14.10 -13.31
CA ILE A 368 -9.70 15.03 -12.33
C ILE A 368 -9.49 16.48 -12.80
N ILE A 369 -8.27 16.80 -13.23
CA ILE A 369 -7.91 18.15 -13.64
C ILE A 369 -8.64 18.52 -14.94
N PHE A 370 -8.73 17.57 -15.87
CA PHE A 370 -9.46 17.80 -17.12
C PHE A 370 -10.92 18.14 -16.86
N ASN A 371 -11.57 17.33 -16.03
CA ASN A 371 -12.98 17.57 -15.71
C ASN A 371 -13.18 18.92 -15.03
N SER A 372 -12.27 19.27 -14.13
CA SER A 372 -12.33 20.53 -13.40
C SER A 372 -12.21 21.73 -14.34
N LEU A 373 -11.26 21.68 -15.26
CA LEU A 373 -11.01 22.76 -16.21
C LEU A 373 -12.14 22.88 -17.23
N LYS A 374 -12.64 21.73 -17.68
CA LYS A 374 -13.75 21.70 -18.64
C LYS A 374 -14.98 22.44 -18.12
N GLU A 375 -15.21 22.35 -16.80
CA GLU A 375 -16.31 23.09 -16.17
C GLU A 375 -16.27 24.60 -16.42
N GLN A 376 -15.05 25.13 -16.61
CA GLN A 376 -14.87 26.56 -16.86
CA GLN A 376 -14.83 26.55 -16.82
C GLN A 376 -14.56 26.87 -18.31
N ASN A 377 -14.89 25.93 -19.19
CA ASN A 377 -14.60 26.04 -20.64
C ASN A 377 -13.12 26.27 -20.92
N LYS A 378 -12.26 25.78 -20.02
CA LYS A 378 -10.82 25.86 -20.23
C LYS A 378 -10.33 24.61 -20.94
N VAL A 379 -9.17 24.76 -21.58
CA VAL A 379 -8.66 23.76 -22.50
C VAL A 379 -7.29 23.27 -22.04
N ILE A 380 -7.16 21.97 -21.85
CA ILE A 380 -5.94 21.37 -21.31
C ILE A 380 -4.81 21.40 -22.36
N PRO A 381 -3.55 21.57 -21.90
CA PRO A 381 -2.43 21.57 -22.85
C PRO A 381 -2.14 20.18 -23.40
N GLN A 382 -1.44 20.11 -24.52
CA GLN A 382 -0.99 18.83 -25.05
C GLN A 382 0.14 18.26 -24.18
N GLY A 383 0.13 16.95 -23.98
CA GLY A 383 1.25 16.26 -23.34
C GLY A 383 2.48 16.35 -24.22
N ARG A 384 3.64 16.57 -23.58
CA ARG A 384 4.91 16.73 -24.30
C ARG A 384 5.96 15.74 -23.81
N SER A 385 6.98 15.52 -24.64
CA SER A 385 8.12 14.70 -24.29
C SER A 385 9.09 15.50 -23.42
N HIS A 386 9.63 14.85 -22.39
CA HIS A 386 10.66 15.47 -21.54
C HIS A 386 11.71 14.44 -21.18
N PRO A 387 13.00 14.87 -21.12
CA PRO A 387 14.04 13.97 -20.63
C PRO A 387 13.92 13.81 -19.12
N VAL A 388 14.17 12.60 -18.63
CA VAL A 388 14.17 12.34 -17.19
C VAL A 388 15.39 13.04 -16.55
N GLN A 389 15.11 13.86 -15.55
CA GLN A 389 16.14 14.62 -14.83
C GLN A 389 15.98 14.42 -13.33
N PRO A 390 17.09 14.16 -12.61
CA PRO A 390 17.01 14.10 -11.14
C PRO A 390 16.68 15.47 -10.56
N TYR A 391 16.00 15.48 -9.42
CA TYR A 391 15.72 16.73 -8.72
C TYR A 391 15.75 16.50 -7.20
N PRO A 392 15.97 17.57 -6.41
CA PRO A 392 16.13 17.40 -4.97
C PRO A 392 14.84 17.13 -4.21
N GLY A 393 14.98 16.47 -3.06
CA GLY A 393 13.84 16.05 -2.26
C GLY A 393 13.87 16.67 -0.88
N ALA A 394 13.59 15.84 0.11
CA ALA A 394 13.44 16.30 1.49
C ALA A 394 14.77 16.45 2.20
N PHE A 395 14.71 17.16 3.32
CA PHE A 395 15.82 17.26 4.26
C PHE A 395 15.64 16.24 5.37
N VAL A 396 16.74 15.56 5.71
CA VAL A 396 16.79 14.63 6.84
C VAL A 396 17.98 15.01 7.72
N LYS A 397 17.72 15.29 9.00
CA LYS A 397 18.76 15.73 9.94
C LYS A 397 19.58 14.54 10.39
N GLU A 398 20.90 14.72 10.46
CA GLU A 398 21.78 13.70 11.00
C GLU A 398 21.68 13.70 12.52
N PRO A 399 21.13 12.61 13.12
CA PRO A 399 21.01 12.59 14.58
C PRO A 399 22.31 12.15 15.24
N ILE A 400 22.56 12.63 16.46
CA ILE A 400 23.66 12.09 17.26
C ILE A 400 23.20 10.74 17.81
N PRO A 401 23.89 9.65 17.42
CA PRO A 401 23.48 8.34 17.92
C PRO A 401 23.55 8.31 19.44
N ASN A 402 22.45 7.94 20.08
CA ASN A 402 22.37 7.99 21.53
C ASN A 402 21.04 7.43 22.01
N ARG A 403 20.95 7.15 23.31
CA ARG A 403 19.65 7.01 23.95
C ARG A 403 19.06 8.40 24.10
N TYR A 404 17.73 8.47 24.07
CA TYR A 404 16.99 9.70 24.31
C TYR A 404 15.81 9.35 25.20
N LYS A 405 15.83 9.86 26.44
CA LYS A 405 14.92 9.41 27.49
C LYS A 405 13.47 9.87 27.26
N TYR A 406 13.26 11.17 27.25
CA TYR A 406 11.94 11.75 27.00
C TYR A 406 11.94 12.45 25.65
N VAL A 407 10.97 12.09 24.82
CA VAL A 407 10.85 12.66 23.48
C VAL A 407 9.41 13.02 23.15
N MET A 408 9.21 14.23 22.63
CA MET A 408 7.94 14.61 22.04
C MET A 408 8.16 14.97 20.59
N SER A 409 7.37 14.36 19.71
CA SER A 409 7.47 14.67 18.29
C SER A 409 6.34 15.56 17.80
N PHE A 410 6.62 16.29 16.72
CA PHE A 410 5.67 17.21 16.10
C PHE A 410 5.75 17.00 14.60
N ASP A 411 4.60 17.10 13.95
CA ASP A 411 4.49 16.72 12.55
C ASP A 411 3.58 17.68 11.78
N LEU A 412 4.00 18.07 10.58
CA LEU A 412 3.17 18.89 9.69
C LEU A 412 2.09 18.04 9.01
N THR A 413 0.85 18.54 9.04
CA THR A 413 -0.28 17.87 8.41
C THR A 413 -0.11 17.84 6.89
N SER A 414 -0.26 16.65 6.31
CA SER A 414 -0.25 16.47 4.86
C SER A 414 0.70 17.47 4.18
N LEU A 415 2.01 17.31 4.39
CA LEU A 415 2.94 18.39 4.05
C LEU A 415 2.92 18.84 2.59
N TYR A 416 3.22 17.94 1.66
CA TYR A 416 3.36 18.38 0.27
C TYR A 416 2.07 18.97 -0.31
N PRO A 417 0.91 18.32 -0.05
CA PRO A 417 -0.34 18.96 -0.48
C PRO A 417 -0.59 20.32 0.19
N SER A 418 -0.23 20.46 1.47
CA SER A 418 -0.35 21.75 2.16
C SER A 418 0.57 22.81 1.54
N ILE A 419 1.78 22.41 1.14
CA ILE A 419 2.70 23.34 0.47
C ILE A 419 2.13 23.81 -0.86
N ILE A 420 1.58 22.87 -1.64
CA ILE A 420 0.96 23.20 -2.93
C ILE A 420 -0.13 24.24 -2.75
N ARG A 421 -0.97 24.04 -1.73
CA ARG A 421 -2.08 24.95 -1.43
C ARG A 421 -1.60 26.29 -0.89
N GLN A 422 -0.64 26.26 0.03
CA GLN A 422 -0.09 27.47 0.66
C GLN A 422 0.61 28.38 -0.35
N VAL A 423 1.47 27.78 -1.17
CA VAL A 423 2.26 28.54 -2.12
C VAL A 423 1.46 28.87 -3.40
N ASN A 424 0.44 28.05 -3.66
CA ASN A 424 -0.41 28.13 -4.87
C ASN A 424 0.33 27.62 -6.10
N ILE A 425 0.89 26.41 -5.98
CA ILE A 425 1.71 25.82 -7.04
C ILE A 425 0.85 25.07 -8.04
N SER A 426 0.91 25.49 -9.30
CA SER A 426 0.05 24.98 -10.36
C SER A 426 0.68 25.35 -11.70
N PRO A 427 0.41 24.59 -12.77
CA PRO A 427 0.98 24.95 -14.07
C PRO A 427 0.69 26.40 -14.48
N GLU A 428 -0.53 26.86 -14.20
CA GLU A 428 -1.01 28.12 -14.74
C GLU A 428 -0.88 29.31 -13.78
N THR A 429 -0.30 29.06 -12.61
CA THR A 429 -0.12 30.14 -11.62
C THR A 429 1.32 30.63 -11.53
N ILE A 430 2.20 30.10 -12.37
CA ILE A 430 3.60 30.55 -12.41
C ILE A 430 3.64 32.02 -12.81
N ALA A 431 4.25 32.84 -11.95
CA ALA A 431 4.32 34.29 -12.12
C ALA A 431 5.68 34.76 -12.60
N GLY A 432 6.71 33.94 -12.34
CA GLY A 432 8.09 34.29 -12.69
C GLY A 432 9.09 33.73 -11.69
N THR A 433 10.27 34.32 -11.66
CA THR A 433 11.34 33.85 -10.78
C THR A 433 11.96 35.01 -10.03
N PHE A 434 12.65 34.69 -8.93
CA PHE A 434 13.45 35.67 -8.20
C PHE A 434 14.85 35.12 -7.98
N LYS A 435 15.79 36.02 -7.66
CA LYS A 435 17.18 35.63 -7.45
C LYS A 435 17.35 34.90 -6.11
N VAL A 436 17.75 33.64 -6.20
CA VAL A 436 17.83 32.78 -5.02
C VAL A 436 19.10 32.97 -4.20
N ALA A 437 18.92 33.03 -2.88
CA ALA A 437 20.02 32.97 -1.94
C ALA A 437 20.22 31.51 -1.53
N PRO A 438 21.37 31.19 -0.90
CA PRO A 438 21.51 29.84 -0.33
C PRO A 438 20.36 29.55 0.65
N LEU A 439 19.92 28.29 0.68
CA LEU A 439 18.76 27.90 1.50
C LEU A 439 18.91 28.32 2.96
N HIS A 440 20.13 28.19 3.49
CA HIS A 440 20.35 28.54 4.88
CA HIS A 440 20.51 28.57 4.85
C HIS A 440 20.08 30.00 5.19
N ASP A 441 20.19 30.88 4.19
CA ASP A 441 19.85 32.30 4.37
C ASP A 441 18.34 32.50 4.58
N TYR A 442 17.52 31.69 3.92
CA TYR A 442 16.07 31.73 4.14
C TYR A 442 15.72 31.11 5.49
N ILE A 443 16.35 29.98 5.81
CA ILE A 443 16.14 29.28 7.06
C ILE A 443 16.37 30.18 8.27
N ASN A 444 17.41 31.01 8.18
CA ASN A 444 17.78 31.90 9.27
C ASN A 444 17.18 33.29 9.13
N ALA A 445 16.35 33.49 8.10
CA ALA A 445 15.63 34.74 7.87
C ALA A 445 16.56 35.94 7.63
N VAL A 446 17.68 35.72 6.94
CA VAL A 446 18.60 36.80 6.59
C VAL A 446 18.61 37.16 5.10
N ALA A 447 18.05 36.30 4.27
CA ALA A 447 17.92 36.60 2.84
C ALA A 447 16.89 37.70 2.64
N GLU A 448 17.08 38.47 1.57
CA GLU A 448 16.09 39.47 1.15
C GLU A 448 14.76 38.79 0.89
N ARG A 449 13.66 39.44 1.27
CA ARG A 449 12.33 38.93 1.00
C ARG A 449 12.15 38.74 -0.52
N PRO A 450 11.81 37.52 -0.96
CA PRO A 450 11.74 37.16 -2.39
C PRO A 450 10.83 38.05 -3.22
N SER A 451 9.62 38.34 -2.72
CA SER A 451 8.64 39.13 -3.47
C SER A 451 7.66 39.87 -2.57
N ASP A 452 7.27 41.06 -3.03
CA ASP A 452 6.21 41.83 -2.40
C ASP A 452 4.90 41.76 -3.19
N VAL A 453 4.84 40.86 -4.17
CA VAL A 453 3.68 40.77 -5.05
C VAL A 453 3.20 39.33 -5.12
N TYR A 454 4.14 38.40 -5.28
CA TYR A 454 3.81 37.00 -5.54
C TYR A 454 4.16 36.06 -4.40
N SER A 455 3.58 34.86 -4.44
CA SER A 455 3.79 33.83 -3.43
C SER A 455 4.99 32.98 -3.84
N CYS A 456 5.91 32.76 -2.90
CA CYS A 456 7.23 32.22 -3.25
C CYS A 456 7.64 30.91 -2.59
N SER A 457 8.46 30.17 -3.32
CA SER A 457 9.21 29.04 -2.77
C SER A 457 10.69 29.36 -2.89
N PRO A 458 11.51 28.88 -1.92
CA PRO A 458 12.95 29.19 -1.92
C PRO A 458 13.78 28.55 -3.04
N ASN A 459 13.14 27.82 -3.96
CA ASN A 459 13.83 27.39 -5.18
C ASN A 459 13.89 28.47 -6.26
N GLY A 460 13.27 29.63 -5.98
CA GLY A 460 13.25 30.74 -6.92
C GLY A 460 11.95 31.01 -7.64
N MET A 461 10.93 30.19 -7.38
CA MET A 461 9.68 30.30 -8.12
C MET A 461 8.69 31.23 -7.43
N MET A 462 7.94 31.97 -8.25
CA MET A 462 6.90 32.88 -7.79
C MET A 462 5.57 32.50 -8.41
N TYR A 463 4.49 32.67 -7.64
CA TYR A 463 3.15 32.27 -8.07
C TYR A 463 2.12 33.37 -7.83
N TYR A 464 1.10 33.40 -8.69
CA TYR A 464 0.00 34.34 -8.54
C TYR A 464 -0.74 34.16 -7.21
N LYS A 465 -1.26 35.27 -6.68
CA LYS A 465 -2.02 35.24 -5.44
C LYS A 465 -3.49 35.63 -5.62
N ASP A 466 -3.91 35.94 -6.85
CA ASP A 466 -5.24 36.48 -7.08
C ASP A 466 -6.32 35.39 -7.08
N ARG A 467 -5.94 34.17 -7.46
CA ARG A 467 -6.86 33.06 -7.59
C ARG A 467 -6.10 31.74 -7.44
N ASP A 468 -6.79 30.72 -6.93
CA ASP A 468 -6.20 29.40 -6.76
C ASP A 468 -5.99 28.74 -8.12
N GLY A 469 -4.86 28.06 -8.26
CA GLY A 469 -4.63 27.24 -9.43
C GLY A 469 -5.49 25.98 -9.37
N VAL A 470 -5.65 25.32 -10.50
CA VAL A 470 -6.46 24.09 -10.56
C VAL A 470 -5.86 22.97 -9.70
N VAL A 471 -4.54 22.94 -9.59
CA VAL A 471 -3.89 21.91 -8.78
C VAL A 471 -4.21 22.11 -7.28
N PRO A 472 -3.99 23.32 -6.73
CA PRO A 472 -4.44 23.58 -5.36
C PRO A 472 -5.95 23.33 -5.15
N THR A 473 -6.79 23.74 -6.10
CA THR A 473 -8.24 23.56 -5.96
C THR A 473 -8.64 22.08 -5.86
N GLU A 474 -8.11 21.27 -6.77
CA GLU A 474 -8.46 19.85 -6.80
C GLU A 474 -7.78 19.02 -5.71
N ILE A 475 -6.55 19.40 -5.35
CA ILE A 475 -5.88 18.69 -4.27
C ILE A 475 -6.59 18.94 -2.93
N THR A 476 -7.14 20.14 -2.77
CA THR A 476 -7.87 20.50 -1.54
C THR A 476 -9.11 19.61 -1.36
N LYS A 477 -9.81 19.33 -2.46
CA LYS A 477 -11.03 18.51 -2.39
C LYS A 477 -10.73 17.11 -1.84
N VAL A 478 -9.68 16.49 -2.36
CA VAL A 478 -9.32 15.14 -1.93
C VAL A 478 -8.72 15.17 -0.52
N PHE A 479 -7.93 16.21 -0.22
CA PHE A 479 -7.43 16.40 1.13
C PHE A 479 -8.56 16.45 2.18
N ASN A 480 -9.62 17.19 1.88
CA ASN A 480 -10.76 17.28 2.79
C ASN A 480 -11.48 15.94 2.99
N GLN A 481 -11.59 15.16 1.92
CA GLN A 481 -12.12 13.78 2.00
C GLN A 481 -11.26 12.91 2.93
N ARG A 482 -9.95 12.99 2.74
CA ARG A 482 -8.97 12.25 3.52
C ARG A 482 -9.12 12.56 5.00
N LYS A 483 -9.23 13.85 5.32
CA LYS A 483 -9.36 14.33 6.70
C LYS A 483 -10.56 13.72 7.43
N GLU A 484 -11.69 13.62 6.71
CA GLU A 484 -12.90 13.02 7.26
C GLU A 484 -12.70 11.55 7.68
N HIS A 485 -12.12 10.78 6.77
CA HIS A 485 -11.87 9.36 7.03
C HIS A 485 -10.80 9.14 8.10
N LYS A 486 -9.80 10.01 8.15
CA LYS A 486 -8.79 9.91 9.20
C LYS A 486 -9.44 10.14 10.57
N GLY A 487 -10.41 11.05 10.63
CA GLY A 487 -11.20 11.27 11.84
C GLY A 487 -11.90 10.01 12.32
N TYR A 488 -12.52 9.28 11.40
CA TYR A 488 -13.17 8.02 11.73
C TYR A 488 -12.17 6.98 12.22
N MET A 489 -11.02 6.92 11.55
CA MET A 489 -9.96 5.97 11.88
C MET A 489 -9.45 6.18 13.30
N LEU A 490 -9.16 7.44 13.64
CA LEU A 490 -8.63 7.76 14.97
C LEU A 490 -9.67 7.58 16.08
N ALA A 491 -10.93 7.91 15.81
CA ALA A 491 -11.99 7.65 16.77
C ALA A 491 -12.10 6.15 17.06
N ALA A 492 -12.04 5.33 16.01
CA ALA A 492 -12.06 3.86 16.17
C ALA A 492 -10.88 3.36 17.00
N GLN A 493 -9.72 3.96 16.75
CA GLN A 493 -8.51 3.64 17.49
C GLN A 493 -8.66 3.99 18.97
N ARG A 494 -9.17 5.19 19.27
CA ARG A 494 -9.39 5.62 20.64
C ARG A 494 -10.43 4.72 21.32
N ASN A 495 -11.48 4.37 20.58
CA ASN A 495 -12.52 3.47 21.07
C ASN A 495 -11.95 2.08 21.41
N GLY A 496 -11.05 1.59 20.56
CA GLY A 496 -10.36 0.32 20.84
C GLY A 496 -9.63 0.33 22.18
N GLU A 497 -8.97 1.44 22.48
CA GLU A 497 -8.22 1.56 23.73
C GLU A 497 -9.14 1.58 24.97
N ILE A 498 -10.34 2.16 24.82
CA ILE A 498 -11.35 2.12 25.89
C ILE A 498 -11.69 0.65 26.23
N ILE A 499 -11.92 -0.14 25.19
CA ILE A 499 -12.26 -1.56 25.33
C ILE A 499 -11.11 -2.37 25.93
N LYS A 500 -9.89 -2.11 25.46
CA LYS A 500 -8.69 -2.75 26.02
C LYS A 500 -8.56 -2.48 27.52
N GLU A 501 -8.81 -1.24 27.93
CA GLU A 501 -8.79 -0.87 29.36
C GLU A 501 -9.85 -1.65 30.14
N ALA A 502 -11.06 -1.70 29.59
CA ALA A 502 -12.19 -2.40 30.22
C ALA A 502 -11.94 -3.90 30.37
N LEU A 503 -11.19 -4.46 29.42
CA LEU A 503 -10.84 -5.88 29.43
C LEU A 503 -9.95 -6.30 30.62
N HIS A 504 -9.40 -5.34 31.34
CA HIS A 504 -8.65 -5.63 32.57
C HIS A 504 -9.59 -6.16 33.66
N ASN A 505 -10.84 -5.68 33.64
CA ASN A 505 -11.84 -6.08 34.62
C ASN A 505 -13.15 -6.56 33.99
N PRO A 506 -13.12 -7.72 33.28
CA PRO A 506 -14.33 -8.21 32.63
C PRO A 506 -15.34 -8.76 33.63
N ASN A 507 -16.62 -8.67 33.29
CA ASN A 507 -17.70 -9.10 34.19
C ASN A 507 -18.12 -10.54 33.94
N LEU A 508 -18.43 -11.25 35.04
CA LEU A 508 -18.88 -12.63 34.95
C LEU A 508 -20.38 -12.67 34.68
N SER A 509 -20.73 -12.62 33.40
CA SER A 509 -22.11 -12.55 32.94
C SER A 509 -22.24 -13.04 31.51
N VAL A 510 -23.48 -13.32 31.09
CA VAL A 510 -23.78 -13.63 29.70
C VAL A 510 -24.54 -12.44 29.11
N ASP A 511 -23.93 -11.81 28.11
CA ASP A 511 -24.47 -10.61 27.49
C ASP A 511 -24.06 -10.52 26.01
N GLU A 512 -24.41 -9.39 25.38
CA GLU A 512 -24.11 -9.19 23.97
C GLU A 512 -23.26 -7.94 23.75
N PRO A 513 -22.47 -7.89 22.66
CA PRO A 513 -21.76 -6.67 22.32
C PRO A 513 -22.75 -5.53 22.05
N LEU A 514 -22.35 -4.31 22.41
CA LEU A 514 -23.20 -3.12 22.22
C LEU A 514 -23.27 -2.73 20.74
N ASP A 515 -24.47 -2.38 20.28
CA ASP A 515 -24.67 -1.93 18.90
C ASP A 515 -24.29 -0.46 18.77
N VAL A 516 -23.06 -0.20 18.37
CA VAL A 516 -22.50 1.15 18.31
C VAL A 516 -21.81 1.45 16.98
N ASP A 517 -21.64 2.74 16.68
CA ASP A 517 -20.83 3.18 15.54
C ASP A 517 -19.43 3.54 16.02
N TYR A 518 -18.46 2.69 15.68
CA TYR A 518 -17.09 2.85 16.17
C TYR A 518 -16.33 4.03 15.55
N ARG A 519 -16.92 4.64 14.53
CA ARG A 519 -16.32 5.81 13.86
C ARG A 519 -16.42 7.08 14.70
N PHE A 520 -17.18 7.02 15.80
CA PHE A 520 -17.39 8.16 16.67
C PHE A 520 -17.01 7.82 18.11
N ASP A 521 -16.36 8.75 18.79
CA ASP A 521 -15.94 8.55 20.17
C ASP A 521 -17.12 8.13 21.04
N PHE A 522 -16.90 7.06 21.81
CA PHE A 522 -17.93 6.51 22.69
C PHE A 522 -18.44 7.58 23.65
N SER A 523 -19.75 7.67 23.76
CA SER A 523 -20.40 8.53 24.74
C SER A 523 -20.15 8.02 26.15
N ASP A 524 -20.47 8.85 27.15
CA ASP A 524 -20.37 8.45 28.55
C ASP A 524 -21.24 7.23 28.86
N GLU A 525 -22.44 7.16 28.26
CA GLU A 525 -23.36 6.05 28.48
C GLU A 525 -22.77 4.74 27.96
N ILE A 526 -22.23 4.78 26.75
CA ILE A 526 -21.59 3.61 26.17
C ILE A 526 -20.41 3.16 27.04
N LYS A 527 -19.61 4.12 27.50
CA LYS A 527 -18.46 3.83 28.36
C LYS A 527 -18.86 3.15 29.67
N GLU A 528 -20.00 3.55 30.23
CA GLU A 528 -20.52 2.95 31.45
C GLU A 528 -21.02 1.52 31.21
N LYS A 529 -21.66 1.30 30.06
CA LYS A 529 -22.15 -0.03 29.69
C LYS A 529 -21.00 -1.00 29.40
N ILE A 530 -19.95 -0.49 28.76
CA ILE A 530 -18.73 -1.27 28.49
C ILE A 530 -18.09 -1.81 29.77
N LYS A 531 -18.06 -0.98 30.81
CA LYS A 531 -17.49 -1.35 32.10
C LYS A 531 -18.24 -2.47 32.82
N LYS A 532 -19.40 -2.87 32.29
CA LYS A 532 -20.22 -3.92 32.88
C LYS A 532 -20.27 -5.19 32.02
N LEU A 533 -19.60 -5.17 30.87
CA LEU A 533 -19.66 -6.27 29.91
C LEU A 533 -18.70 -7.41 30.20
N SER A 534 -19.08 -8.61 29.72
CA SER A 534 -18.24 -9.80 29.78
C SER A 534 -17.03 -9.70 28.85
N ALA A 535 -16.05 -10.57 29.06
CA ALA A 535 -14.87 -10.66 28.20
C ALA A 535 -15.24 -11.07 26.76
N LYS A 536 -16.22 -11.96 26.62
CA LYS A 536 -16.68 -12.40 25.31
C LYS A 536 -17.22 -11.23 24.48
N SER A 537 -18.12 -10.45 25.08
CA SER A 537 -18.69 -9.29 24.42
C SER A 537 -17.64 -8.21 24.18
N LEU A 538 -16.77 -7.98 25.15
CA LEU A 538 -15.69 -6.99 25.01
C LEU A 538 -14.73 -7.31 23.86
N ASN A 539 -14.32 -8.58 23.76
CA ASN A 539 -13.43 -9.01 22.68
C ASN A 539 -14.08 -8.89 21.31
N GLU A 540 -15.39 -9.13 21.25
CA GLU A 540 -16.14 -8.97 20.01
C GLU A 540 -16.20 -7.51 19.61
N MET A 541 -16.44 -6.63 20.58
CA MET A 541 -16.41 -5.19 20.35
C MET A 541 -15.03 -4.69 19.90
N LEU A 542 -13.97 -5.24 20.52
CA LEU A 542 -12.62 -4.87 20.14
C LEU A 542 -12.35 -5.25 18.69
N PHE A 543 -12.75 -6.47 18.31
CA PHE A 543 -12.63 -6.93 16.93
C PHE A 543 -13.34 -5.98 15.97
N ARG A 544 -14.56 -5.59 16.33
CA ARG A 544 -15.35 -4.67 15.50
C ARG A 544 -14.74 -3.28 15.44
N ALA A 545 -14.25 -2.79 16.57
CA ALA A 545 -13.57 -1.49 16.62
C ALA A 545 -12.33 -1.50 15.71
N GLN A 546 -11.57 -2.58 15.80
CA GLN A 546 -10.37 -2.72 14.98
C GLN A 546 -10.68 -2.85 13.49
N ARG A 547 -11.78 -3.51 13.16
CA ARG A 547 -12.21 -3.57 11.75
C ARG A 547 -12.64 -2.19 11.23
N THR A 548 -13.30 -1.42 12.09
CA THR A 548 -13.68 -0.05 11.74
C THR A 548 -12.43 0.81 11.53
N GLU A 549 -11.43 0.63 12.40
CA GLU A 549 -10.16 1.34 12.25
C GLU A 549 -9.49 1.01 10.92
N VAL A 550 -9.46 -0.27 10.56
CA VAL A 550 -8.86 -0.71 9.29
C VAL A 550 -9.59 -0.10 8.08
N ALA A 551 -10.92 -0.09 8.11
CA ALA A 551 -11.70 0.52 7.03
C ALA A 551 -11.35 2.01 6.89
N GLY A 552 -11.24 2.70 8.03
CA GLY A 552 -10.85 4.12 8.05
C GLY A 552 -9.44 4.32 7.52
N MET A 553 -8.54 3.42 7.92
CA MET A 553 -7.15 3.44 7.46
C MET A 553 -7.09 3.32 5.93
N THR A 554 -7.78 2.33 5.38
CA THR A 554 -7.80 2.17 3.92
C THR A 554 -8.26 3.46 3.22
N ALA A 555 -9.34 4.04 3.71
CA ALA A 555 -9.96 5.19 3.07
C ALA A 555 -9.05 6.42 3.17
N GLN A 556 -8.41 6.59 4.32
CA GLN A 556 -7.60 7.79 4.56
C GLN A 556 -6.20 7.70 3.97
N ILE A 557 -5.52 6.57 4.17
CA ILE A 557 -4.12 6.48 3.76
C ILE A 557 -4.00 6.50 2.23
N ASN A 558 -5.01 6.00 1.55
CA ASN A 558 -4.92 5.93 0.10
C ASN A 558 -5.35 7.23 -0.59
N ARG A 559 -6.17 8.01 0.10
CA ARG A 559 -6.46 9.37 -0.33
C ARG A 559 -5.24 10.26 -0.11
N LYS A 560 -4.55 10.06 1.01
CA LYS A 560 -3.23 10.67 1.25
C LYS A 560 -2.25 10.27 0.14
N ALA A 561 -2.25 8.99 -0.22
CA ALA A 561 -1.36 8.50 -1.28
C ALA A 561 -1.67 9.17 -2.62
N LEU A 562 -2.96 9.38 -2.90
CA LEU A 562 -3.38 10.05 -4.13
C LEU A 562 -2.89 11.49 -4.20
N ILE A 563 -3.05 12.25 -3.11
CA ILE A 563 -2.61 13.64 -3.10
C ILE A 563 -1.09 13.79 -3.07
N ASN A 564 -0.40 12.92 -2.34
CA ASN A 564 1.06 12.90 -2.40
C ASN A 564 1.55 12.49 -3.79
N GLY A 565 0.76 11.63 -4.45
CA GLY A 565 1.03 11.20 -5.84
C GLY A 565 0.97 12.35 -6.83
N LEU A 566 0.09 13.31 -6.58
CA LEU A 566 0.07 14.52 -7.41
C LEU A 566 1.36 15.33 -7.27
N ALA A 567 1.85 15.49 -6.05
CA ALA A 567 3.15 16.15 -5.83
C ALA A 567 4.27 15.42 -6.59
N GLY A 568 4.25 14.09 -6.56
CA GLY A 568 5.22 13.31 -7.33
C GLY A 568 5.04 13.35 -8.85
N ALA A 569 3.78 13.37 -9.29
CA ALA A 569 3.45 13.38 -10.71
C ALA A 569 4.00 14.62 -11.41
N LEU A 570 4.05 15.74 -10.69
CA LEU A 570 4.67 16.96 -11.23
C LEU A 570 6.13 16.73 -11.60
N GLY A 571 6.72 15.69 -11.03
CA GLY A 571 8.11 15.30 -11.33
C GLY A 571 8.25 14.01 -12.15
N ASN A 572 7.16 13.61 -12.81
CA ASN A 572 7.18 12.46 -13.72
C ASN A 572 6.95 12.92 -15.17
N VAL A 573 7.85 12.54 -16.07
CA VAL A 573 7.82 13.07 -17.44
C VAL A 573 6.57 12.70 -18.25
N TRP A 574 5.83 11.69 -17.79
CA TRP A 574 4.60 11.26 -18.49
C TRP A 574 3.33 12.02 -18.09
N PHE A 575 3.42 12.81 -17.03
CA PHE A 575 2.30 13.64 -16.56
C PHE A 575 2.14 14.85 -17.47
N ARG A 576 0.89 15.10 -17.89
CA ARG A 576 0.56 16.26 -18.73
C ARG A 576 1.09 17.57 -18.14
N TYR A 577 1.12 17.66 -16.81
CA TYR A 577 1.54 18.88 -16.12
C TYR A 577 2.93 18.77 -15.49
N TYR A 578 3.74 17.86 -16.03
CA TYR A 578 5.15 17.76 -15.61
C TYR A 578 5.82 19.12 -15.66
N ASP A 579 6.49 19.47 -14.57
CA ASP A 579 7.25 20.71 -14.52
C ASP A 579 8.21 20.65 -13.35
N LEU A 580 9.49 20.48 -13.65
CA LEU A 580 10.50 20.36 -12.59
C LEU A 580 10.59 21.62 -11.73
N ARG A 581 10.18 22.77 -12.26
CA ARG A 581 10.12 23.99 -11.46
C ARG A 581 9.11 23.84 -10.33
N ASN A 582 7.95 23.30 -10.64
CA ASN A 582 6.90 23.07 -9.64
C ASN A 582 7.24 21.90 -8.71
N ALA A 583 7.76 20.82 -9.27
CA ALA A 583 8.16 19.66 -8.46
C ALA A 583 9.19 20.07 -7.41
N THR A 584 10.16 20.87 -7.83
CA THR A 584 11.24 21.33 -6.96
C THR A 584 10.78 22.44 -6.01
N ALA A 585 9.85 23.28 -6.45
CA ALA A 585 9.25 24.29 -5.55
C ALA A 585 8.66 23.64 -4.31
N ILE A 586 7.99 22.50 -4.49
CA ILE A 586 7.41 21.78 -3.36
C ILE A 586 8.49 21.27 -2.40
N THR A 587 9.47 20.53 -2.92
CA THR A 587 10.46 19.87 -2.07
C THR A 587 11.38 20.87 -1.39
N THR A 588 11.75 21.93 -2.10
CA THR A 588 12.67 22.93 -1.55
C THR A 588 11.98 23.72 -0.43
N PHE A 589 10.70 24.05 -0.64
CA PHE A 589 9.90 24.70 0.41
C PHE A 589 9.83 23.84 1.66
N GLY A 590 9.67 22.53 1.45
CA GLY A 590 9.67 21.56 2.55
C GLY A 590 10.95 21.57 3.35
N GLN A 591 12.08 21.60 2.65
CA GLN A 591 13.40 21.65 3.29
C GLN A 591 13.51 22.88 4.19
N MET A 592 13.07 24.01 3.66
CA MET A 592 13.08 25.26 4.41
C MET A 592 12.16 25.19 5.62
N ALA A 593 10.93 24.71 5.42
CA ALA A 593 9.94 24.65 6.50
C ALA A 593 10.43 23.85 7.71
N LEU A 594 11.02 22.68 7.45
CA LEU A 594 11.52 21.84 8.54
C LEU A 594 12.65 22.53 9.31
N GLN A 595 13.61 23.09 8.58
CA GLN A 595 14.78 23.70 9.20
C GLN A 595 14.48 25.05 9.85
N TRP A 596 13.51 25.77 9.27
CA TRP A 596 13.00 27.00 9.85
C TRP A 596 12.39 26.70 11.22
N ILE A 597 11.51 25.68 11.28
CA ILE A 597 10.84 25.37 12.53
C ILE A 597 11.76 24.71 13.57
N GLU A 598 12.77 23.97 13.11
CA GLU A 598 13.81 23.47 14.01
C GLU A 598 14.44 24.65 14.76
N ARG A 599 14.81 25.68 14.02
CA ARG A 599 15.39 26.90 14.59
C ARG A 599 14.45 27.54 15.59
N LYS A 600 13.18 27.72 15.20
CA LYS A 600 12.17 28.35 16.04
C LYS A 600 11.89 27.58 17.33
N VAL A 601 11.84 26.26 17.23
CA VAL A 601 11.60 25.42 18.41
C VAL A 601 12.80 25.47 19.37
N ASN A 602 14.01 25.37 18.83
CA ASN A 602 15.23 25.55 19.62
C ASN A 602 15.27 26.91 20.31
N GLU A 603 14.94 27.96 19.57
CA GLU A 603 14.90 29.31 20.15
C GLU A 603 13.88 29.40 21.27
N TYR A 604 12.68 28.87 21.04
CA TYR A 604 11.62 28.90 22.05
C TYR A 604 12.01 28.17 23.32
N LEU A 605 12.52 26.95 23.19
CA LEU A 605 12.84 26.13 24.35
C LEU A 605 14.07 26.63 25.13
N ASN A 606 15.05 27.18 24.42
CA ASN A 606 16.20 27.82 25.07
C ASN A 606 15.78 29.02 25.91
N GLU A 607 14.74 29.72 25.44
CA GLU A 607 14.16 30.85 26.17
C GLU A 607 13.48 30.37 27.45
N VAL A 608 12.57 29.40 27.35
CA VAL A 608 11.85 28.89 28.53
C VAL A 608 12.78 28.18 29.54
N CYS A 609 13.89 27.63 29.06
CA CYS A 609 14.89 26.98 29.92
C CYS A 609 15.99 27.92 30.38
N GLY A 610 16.10 29.08 29.73
CA GLY A 610 17.10 30.08 30.09
C GLY A 610 18.51 29.71 29.69
N THR A 611 18.64 28.96 28.60
CA THR A 611 19.95 28.57 28.07
C THR A 611 20.25 29.27 26.74
N GLU A 612 21.41 28.94 26.16
CA GLU A 612 21.81 29.50 24.87
C GLU A 612 22.52 28.45 24.02
N GLY A 613 22.06 28.31 22.77
CA GLY A 613 22.69 27.42 21.81
C GLY A 613 22.50 25.92 22.00
N GLU A 614 21.66 25.54 22.97
CA GLU A 614 21.34 24.12 23.21
C GLU A 614 20.40 23.56 22.15
N ALA A 615 20.70 22.34 21.70
CA ALA A 615 19.89 21.68 20.66
C ALA A 615 18.80 20.79 21.25
N PHE A 616 17.57 21.31 21.26
CA PHE A 616 16.41 20.56 21.74
C PHE A 616 15.87 19.62 20.66
N VAL A 617 15.91 20.07 19.41
CA VAL A 617 15.50 19.23 18.28
C VAL A 617 16.64 18.27 17.96
N LEU A 618 16.40 16.99 18.20
CA LEU A 618 17.45 15.97 18.07
C LEU A 618 17.46 15.32 16.69
N TYR A 619 16.31 15.42 16.00
CA TYR A 619 16.11 14.75 14.73
C TYR A 619 14.92 15.32 13.99
N GLY A 620 14.95 15.19 12.67
CA GLY A 620 13.81 15.52 11.85
C GLY A 620 13.96 14.85 10.50
N ASP A 621 12.84 14.51 9.89
CA ASP A 621 12.84 13.89 8.56
C ASP A 621 11.62 14.38 7.78
N THR A 622 11.90 15.23 6.79
CA THR A 622 10.91 15.75 5.82
C THR A 622 9.94 16.76 6.43
N ASP A 623 9.11 16.31 7.37
CA ASP A 623 7.99 17.11 7.87
C ASP A 623 7.80 16.99 9.38
N SER A 624 8.69 16.24 10.03
CA SER A 624 8.56 15.95 11.45
C SER A 624 9.82 16.33 12.21
N ILE A 625 9.65 16.76 13.45
CA ILE A 625 10.77 17.01 14.35
C ILE A 625 10.60 16.23 15.64
N TYR A 626 11.73 15.87 16.24
CA TYR A 626 11.77 15.14 17.49
C TYR A 626 12.49 15.99 18.53
N VAL A 627 11.78 16.28 19.61
CA VAL A 627 12.25 17.21 20.63
C VAL A 627 12.57 16.47 21.93
N SER A 628 13.77 16.71 22.44
CA SER A 628 14.17 16.15 23.74
C SER A 628 13.40 16.87 24.85
N ALA A 629 12.64 16.10 25.63
CA ALA A 629 11.81 16.67 26.71
C ALA A 629 12.42 16.50 28.12
N ASP A 630 13.63 15.96 28.19
CA ASP A 630 14.33 15.73 29.46
C ASP A 630 14.31 16.93 30.39
N LYS A 631 14.69 18.09 29.86
CA LYS A 631 14.81 19.31 30.65
C LYS A 631 13.45 19.79 31.16
N ILE A 632 12.41 19.52 30.38
CA ILE A 632 11.05 19.91 30.75
C ILE A 632 10.58 19.05 31.94
N ILE A 633 10.77 17.75 31.83
CA ILE A 633 10.46 16.82 32.92
C ILE A 633 11.26 17.16 34.18
N ASP A 634 12.56 17.42 33.99
CA ASP A 634 13.47 17.71 35.11
C ASP A 634 13.19 19.03 35.80
N LYS A 635 12.53 19.95 35.09
CA LYS A 635 12.16 21.23 35.67
C LYS A 635 11.08 21.10 36.76
N VAL A 636 10.20 20.12 36.62
CA VAL A 636 9.27 19.83 37.71
C VAL A 636 9.84 18.75 38.65
N GLY A 637 10.59 17.81 38.08
CA GLY A 637 11.21 16.73 38.85
C GLY A 637 10.39 15.46 38.83
N GLU A 638 11.03 14.34 38.51
CA GLU A 638 10.35 13.04 38.37
C GLU A 638 9.58 12.59 39.62
N SER A 639 10.09 12.94 40.81
CA SER A 639 9.48 12.53 42.07
C SER A 639 8.13 13.22 42.34
N LYS A 640 7.82 14.25 41.55
CA LYS A 640 6.56 14.97 41.67
C LYS A 640 5.39 14.28 40.96
N PHE A 641 5.69 13.33 40.08
CA PHE A 641 4.65 12.64 39.31
C PHE A 641 4.14 11.38 40.03
N ARG A 642 2.82 11.20 40.01
CA ARG A 642 2.17 10.06 40.67
C ARG A 642 2.42 8.76 39.93
N ASP A 643 2.38 8.82 38.60
CA ASP A 643 2.58 7.66 37.75
C ASP A 643 3.00 8.12 36.35
N THR A 644 3.22 7.15 35.45
CA THR A 644 3.59 7.44 34.07
C THR A 644 2.57 8.37 33.40
N ASN A 645 1.30 8.03 33.52
CA ASN A 645 0.22 8.80 32.90
C ASN A 645 0.24 10.26 33.30
N HIS A 646 0.70 10.54 34.52
CA HIS A 646 0.78 11.90 35.05
C HIS A 646 1.77 12.78 34.26
N TRP A 647 2.98 12.28 34.01
CA TRP A 647 3.93 13.06 33.19
C TRP A 647 3.56 13.10 31.70
N VAL A 648 2.88 12.07 31.23
CA VAL A 648 2.36 12.07 29.86
C VAL A 648 1.33 13.21 29.71
N ASP A 649 0.40 13.30 30.66
CA ASP A 649 -0.55 14.41 30.71
C ASP A 649 0.15 15.76 30.71
N PHE A 650 1.22 15.87 31.50
CA PHE A 650 1.96 17.11 31.63
C PHE A 650 2.61 17.51 30.30
N LEU A 651 3.27 16.56 29.64
CA LEU A 651 3.86 16.82 28.33
C LEU A 651 2.80 17.13 27.28
N ASP A 652 1.68 16.40 27.32
CA ASP A 652 0.56 16.64 26.41
C ASP A 652 0.09 18.10 26.52
N LYS A 653 -0.10 18.55 27.76
CA LYS A 653 -0.55 19.92 28.01
C LYS A 653 0.52 20.94 27.62
N PHE A 654 1.78 20.64 27.90
CA PHE A 654 2.89 21.52 27.53
C PHE A 654 2.98 21.67 26.00
N ALA A 655 2.84 20.55 25.29
CA ALA A 655 2.87 20.57 23.83
C ALA A 655 1.72 21.38 23.25
N ARG A 656 0.52 21.15 23.76
CA ARG A 656 -0.69 21.81 23.23
C ARG A 656 -0.78 23.30 23.59
N GLU A 657 -0.45 23.64 24.83
CA GLU A 657 -0.66 25.01 25.33
C GLU A 657 0.53 25.95 25.15
N ARG A 658 1.74 25.38 25.05
CA ARG A 658 2.94 26.20 24.96
C ARG A 658 3.68 26.06 23.64
N MET A 659 3.98 24.83 23.23
CA MET A 659 4.79 24.62 22.04
C MET A 659 4.06 24.85 20.72
N GLU A 660 2.86 24.32 20.59
CA GLU A 660 2.09 24.48 19.37
C GLU A 660 1.80 25.96 19.03
N PRO A 661 1.40 26.78 20.03
CA PRO A 661 1.22 28.20 19.71
C PRO A 661 2.50 28.89 19.24
N ALA A 662 3.64 28.51 19.82
CA ALA A 662 4.93 29.05 19.39
C ALA A 662 5.29 28.56 17.99
N ILE A 663 4.98 27.30 17.70
CA ILE A 663 5.22 26.72 16.39
C ILE A 663 4.37 27.45 15.34
N ASP A 664 3.10 27.69 15.67
CA ASP A 664 2.19 28.40 14.77
CA ASP A 664 2.16 28.41 14.81
C ASP A 664 2.70 29.82 14.48
N ARG A 665 3.14 30.53 15.52
CA ARG A 665 3.69 31.88 15.35
C ARG A 665 4.89 31.84 14.39
N GLY A 666 5.76 30.86 14.58
CA GLY A 666 6.92 30.67 13.72
C GLY A 666 6.55 30.46 12.26
N PHE A 667 5.55 29.62 12.01
CA PHE A 667 5.15 29.35 10.62
C PHE A 667 4.37 30.50 9.99
N ARG A 668 3.61 31.24 10.79
CA ARG A 668 2.93 32.43 10.27
C ARG A 668 3.95 33.46 9.78
N GLU A 669 5.07 33.58 10.50
CA GLU A 669 6.16 34.47 10.09
C GLU A 669 6.79 34.00 8.78
N MET A 670 6.98 32.68 8.65
CA MET A 670 7.55 32.12 7.43
C MET A 670 6.63 32.36 6.23
N CYS A 671 5.32 32.22 6.44
CA CYS A 671 4.32 32.48 5.40
C CYS A 671 4.43 33.92 4.90
N GLU A 672 4.56 34.86 5.83
CA GLU A 672 4.70 36.28 5.50
C GLU A 672 6.02 36.55 4.75
N TYR A 673 7.09 35.88 5.19
CA TYR A 673 8.40 36.00 4.59
C TYR A 673 8.38 35.57 3.12
N MET A 674 7.73 34.44 2.84
CA MET A 674 7.58 33.93 1.49
C MET A 674 6.39 34.54 0.75
N ASN A 675 5.65 35.42 1.43
CA ASN A 675 4.46 36.08 0.88
C ASN A 675 3.44 35.09 0.32
N ASN A 676 3.25 33.99 1.04
CA ASN A 676 2.40 32.90 0.54
C ASN A 676 0.91 33.26 0.53
N LYS A 677 0.14 32.49 -0.25
CA LYS A 677 -1.28 32.79 -0.43
C LYS A 677 -2.09 32.54 0.85
N GLN A 678 -1.81 31.44 1.53
CA GLN A 678 -2.57 31.05 2.72
C GLN A 678 -1.68 30.25 3.66
N HIS A 679 -1.74 30.55 4.95
CA HIS A 679 -0.96 29.82 5.95
C HIS A 679 -1.58 28.44 6.21
N LEU A 680 -0.85 27.40 5.82
CA LEU A 680 -1.35 26.03 5.96
C LEU A 680 -0.32 25.09 6.55
N MET A 681 0.74 25.65 7.13
CA MET A 681 1.77 24.85 7.79
C MET A 681 1.31 24.59 9.22
N PHE A 682 0.64 23.45 9.40
CA PHE A 682 0.02 23.14 10.68
C PHE A 682 0.76 21.98 11.31
N MET A 683 1.57 22.30 12.31
CA MET A 683 2.41 21.30 12.96
C MET A 683 1.90 21.04 14.38
N ASP A 684 1.40 19.82 14.57
CA ASP A 684 0.81 19.39 15.85
C ASP A 684 1.67 18.32 16.50
N ARG A 685 1.54 18.19 17.81
CA ARG A 685 2.21 17.12 18.54
C ARG A 685 1.79 15.76 17.98
N GLU A 686 2.78 14.89 17.77
CA GLU A 686 2.54 13.53 17.30
C GLU A 686 2.68 12.54 18.45
N ALA A 687 3.92 12.22 18.83
CA ALA A 687 4.16 11.22 19.88
C ALA A 687 4.67 11.81 21.19
N ILE A 688 4.27 11.19 22.30
CA ILE A 688 4.90 11.40 23.60
C ILE A 688 5.53 10.08 24.03
N ALA A 689 6.84 10.11 24.23
CA ALA A 689 7.62 8.90 24.47
C ALA A 689 8.51 9.04 25.68
N GLY A 690 8.74 7.91 26.35
CA GLY A 690 9.60 7.87 27.54
C GLY A 690 9.54 6.53 28.22
N PRO A 691 10.43 6.29 29.19
CA PRO A 691 10.40 5.03 29.95
C PRO A 691 9.27 5.04 30.98
N PRO A 692 8.80 3.85 31.40
CA PRO A 692 7.83 3.82 32.50
C PRO A 692 8.40 4.49 33.74
N LEU A 693 7.59 5.27 34.45
CA LEU A 693 8.05 6.00 35.63
C LEU A 693 8.63 5.02 36.63
N GLY A 694 9.84 5.32 37.11
CA GLY A 694 10.52 4.49 38.11
C GLY A 694 11.31 3.31 37.60
N SER A 695 11.24 3.05 36.29
CA SER A 695 11.95 1.92 35.69
C SER A 695 13.37 2.33 35.30
N LYS A 696 14.15 1.35 34.84
CA LYS A 696 15.48 1.61 34.29
C LYS A 696 15.48 1.64 32.75
N GLY A 697 14.31 1.69 32.14
CA GLY A 697 14.19 1.78 30.69
C GLY A 697 14.82 3.05 30.13
N ILE A 698 15.32 2.99 28.91
CA ILE A 698 16.01 4.15 28.31
C ILE A 698 15.06 5.06 27.52
N GLY A 699 13.84 4.62 27.27
CA GLY A 699 12.83 5.44 26.59
C GLY A 699 12.89 5.33 25.08
N GLY A 700 14.04 5.65 24.52
CA GLY A 700 14.22 5.64 23.07
C GLY A 700 15.68 5.65 22.69
N PHE A 701 15.96 5.40 21.41
CA PHE A 701 17.31 5.58 20.85
C PHE A 701 17.27 5.82 19.35
N TRP A 702 18.30 6.50 18.85
CA TRP A 702 18.57 6.66 17.41
C TRP A 702 19.93 6.04 17.10
N THR A 703 20.03 5.34 15.96
CA THR A 703 21.34 4.87 15.48
C THR A 703 21.85 5.74 14.33
N GLY A 704 20.93 6.39 13.63
CA GLY A 704 21.25 7.14 12.42
C GLY A 704 19.98 7.66 11.77
N LYS A 705 20.13 8.28 10.60
CA LYS A 705 18.98 8.71 9.81
C LYS A 705 18.05 7.54 9.52
N LYS A 706 16.76 7.77 9.72
CA LYS A 706 15.70 6.79 9.42
C LYS A 706 15.83 5.50 10.21
N ARG A 707 16.47 5.58 11.39
CA ARG A 707 16.68 4.39 12.23
C ARG A 707 16.55 4.75 13.71
N TYR A 708 15.41 4.43 14.29
CA TYR A 708 15.15 4.79 15.69
C TYR A 708 14.03 3.96 16.33
N ALA A 709 13.95 4.03 17.65
CA ALA A 709 12.91 3.33 18.40
C ALA A 709 12.48 4.18 19.58
N LEU A 710 11.17 4.26 19.79
CA LEU A 710 10.59 5.04 20.89
C LEU A 710 9.51 4.25 21.61
N ASN A 711 9.46 4.39 22.93
CA ASN A 711 8.40 3.79 23.74
C ASN A 711 7.29 4.85 23.90
N VAL A 712 6.19 4.66 23.17
CA VAL A 712 5.17 5.71 23.03
C VAL A 712 3.94 5.45 23.91
N TRP A 713 3.51 6.50 24.61
CA TRP A 713 2.34 6.43 25.49
C TRP A 713 1.11 7.08 24.87
N ASP A 714 1.35 8.06 23.99
CA ASP A 714 0.27 8.78 23.33
C ASP A 714 0.70 9.13 21.90
N MET A 715 -0.18 8.81 20.95
CA MET A 715 0.08 9.06 19.54
C MET A 715 -1.12 9.74 18.92
N GLU A 716 -0.94 11.00 18.50
CA GLU A 716 -1.99 11.82 17.87
C GLU A 716 -3.31 11.82 18.66
N GLY A 717 -3.20 11.82 19.98
CA GLY A 717 -4.36 11.89 20.85
C GLY A 717 -4.92 10.56 21.31
N THR A 718 -4.32 9.46 20.85
CA THR A 718 -4.68 8.13 21.34
C THR A 718 -3.79 7.80 22.53
N ARG A 719 -4.41 7.69 23.70
CA ARG A 719 -3.71 7.32 24.92
C ARG A 719 -3.81 5.80 25.09
N TYR A 720 -2.69 5.12 24.91
CA TYR A 720 -2.67 3.66 24.89
C TYR A 720 -2.91 3.04 26.26
N ALA A 721 -3.66 1.94 26.28
CA ALA A 721 -3.79 1.13 27.49
C ALA A 721 -2.43 0.59 27.91
N GLU A 722 -1.63 0.19 26.91
CA GLU A 722 -0.26 -0.30 27.12
C GLU A 722 0.68 0.43 26.18
N PRO A 723 1.92 0.76 26.64
CA PRO A 723 2.85 1.49 25.78
C PRO A 723 3.13 0.75 24.48
N LYS A 724 3.29 1.50 23.40
CA LYS A 724 3.50 0.92 22.08
C LYS A 724 4.87 1.33 21.57
N LEU A 725 5.62 0.35 21.07
CA LEU A 725 6.90 0.64 20.44
C LEU A 725 6.69 1.22 19.06
N LYS A 726 7.25 2.40 18.83
CA LYS A 726 7.35 2.96 17.49
C LYS A 726 8.78 2.74 17.03
N ILE A 727 8.95 1.78 16.12
CA ILE A 727 10.27 1.43 15.61
C ILE A 727 10.27 1.70 14.12
N MET A 728 11.22 2.54 13.68
CA MET A 728 11.33 2.87 12.27
C MET A 728 12.71 2.50 11.74
N GLY A 729 12.73 1.81 10.60
CA GLY A 729 13.96 1.54 9.87
C GLY A 729 14.76 0.34 10.36
N LEU A 730 14.71 0.08 11.67
CA LEU A 730 15.46 -1.03 12.26
C LEU A 730 15.01 -2.36 11.71
N GLU A 731 15.83 -3.38 11.90
CA GLU A 731 15.64 -4.69 11.28
C GLU A 731 14.31 -5.37 11.62
N THR A 732 13.72 -5.02 12.77
CA THR A 732 12.40 -5.51 13.14
C THR A 732 11.34 -5.13 12.11
N GLN A 733 11.61 -4.06 11.34
CA GLN A 733 10.63 -3.48 10.41
C GLN A 733 10.85 -3.91 8.97
N LYS A 734 11.88 -4.72 8.73
CA LYS A 734 12.27 -5.09 7.36
C LYS A 734 11.81 -6.49 7.00
N SER A 735 11.17 -6.63 5.83
CA SER A 735 10.68 -7.93 5.37
C SER A 735 11.81 -8.92 5.07
N SER A 736 13.03 -8.40 4.89
CA SER A 736 14.21 -9.23 4.65
C SER A 736 14.74 -9.95 5.90
N THR A 737 14.39 -9.43 7.08
CA THR A 737 14.84 -9.99 8.36
C THR A 737 14.00 -11.23 8.72
N PRO A 738 14.66 -12.34 9.14
CA PRO A 738 13.89 -13.54 9.48
C PRO A 738 12.80 -13.26 10.52
N LYS A 739 11.68 -13.98 10.41
CA LYS A 739 10.52 -13.71 11.28
C LYS A 739 10.84 -13.85 12.78
N ALA A 740 11.53 -14.92 13.15
CA ALA A 740 11.86 -15.15 14.55
C ALA A 740 12.88 -14.13 15.05
N VAL A 741 13.70 -13.61 14.13
CA VAL A 741 14.71 -12.61 14.46
C VAL A 741 14.08 -11.23 14.65
N GLN A 742 13.10 -10.87 13.82
CA GLN A 742 12.28 -9.67 14.04
C GLN A 742 11.70 -9.71 15.45
N LYS A 743 11.09 -10.85 15.80
CA LYS A 743 10.47 -11.03 17.10
C LYS A 743 11.48 -10.83 18.24
N ALA A 744 12.64 -11.46 18.12
CA ALA A 744 13.67 -11.39 19.16
C ALA A 744 14.26 -10.00 19.28
N LEU A 745 14.56 -9.37 18.14
CA LEU A 745 15.08 -8.01 18.16
C LEU A 745 14.06 -7.04 18.76
N LYS A 746 12.78 -7.25 18.46
CA LYS A 746 11.71 -6.40 19.02
C LYS A 746 11.67 -6.53 20.55
N GLU A 747 11.78 -7.76 21.05
CA GLU A 747 11.80 -7.96 22.50
C GLU A 747 13.06 -7.34 23.14
N CYS A 748 14.20 -7.44 22.47
CA CYS A 748 15.42 -6.76 22.93
C CYS A 748 15.19 -5.25 23.04
N ILE A 749 14.59 -4.67 22.01
CA ILE A 749 14.26 -3.25 22.01
C ILE A 749 13.26 -2.93 23.13
N ARG A 750 12.22 -3.74 23.27
CA ARG A 750 11.22 -3.51 24.32
C ARG A 750 11.91 -3.44 25.68
N ARG A 751 12.78 -4.41 25.95
CA ARG A 751 13.49 -4.47 27.22
C ARG A 751 14.41 -3.27 27.42
N MET A 752 15.13 -2.89 26.36
CA MET A 752 15.98 -1.70 26.41
C MET A 752 15.17 -0.46 26.82
N LEU A 753 14.08 -0.21 26.11
CA LEU A 753 13.28 1.00 26.28
C LEU A 753 12.45 1.03 27.56
N GLN A 754 12.01 -0.14 28.02
CA GLN A 754 11.05 -0.21 29.13
C GLN A 754 11.64 -0.69 30.44
N GLU A 755 12.71 -1.48 30.37
CA GLU A 755 13.22 -2.21 31.54
C GLU A 755 14.70 -1.93 31.83
N GLY A 756 15.50 -1.80 30.79
CA GLY A 756 16.90 -1.42 30.95
C GLY A 756 17.92 -2.49 30.58
N GLU A 757 19.19 -2.20 30.86
CA GLU A 757 20.32 -3.00 30.44
C GLU A 757 20.32 -4.44 30.96
N GLU A 758 20.02 -4.61 32.25
CA GLU A 758 20.03 -5.94 32.87
CA GLU A 758 20.04 -5.94 32.86
C GLU A 758 18.99 -6.86 32.25
N SER A 759 17.81 -6.31 31.99
CA SER A 759 16.73 -7.07 31.36
C SER A 759 17.12 -7.52 29.96
N LEU A 760 17.72 -6.61 29.19
CA LEU A 760 18.25 -6.91 27.86
C LEU A 760 19.28 -8.06 27.92
N GLN A 761 20.20 -7.99 28.88
CA GLN A 761 21.23 -9.02 29.01
C GLN A 761 20.64 -10.41 29.30
N GLU A 762 19.62 -10.44 30.15
CA GLU A 762 18.91 -11.67 30.50
CA GLU A 762 18.93 -11.69 30.50
C GLU A 762 18.30 -12.33 29.27
N TYR A 763 17.65 -11.52 28.44
CA TYR A 763 17.00 -12.01 27.23
C TYR A 763 17.98 -12.47 26.17
N PHE A 764 19.02 -11.67 25.94
CA PHE A 764 20.02 -12.03 24.94
C PHE A 764 20.60 -13.41 25.24
N LYS A 765 20.98 -13.63 26.50
CA LYS A 765 21.62 -14.87 26.92
C LYS A 765 20.73 -16.06 26.61
N GLU A 766 19.43 -15.89 26.84
CA GLU A 766 18.46 -16.95 26.56
C GLU A 766 18.28 -17.21 25.06
N PHE A 767 18.14 -16.15 24.27
CA PHE A 767 17.94 -16.31 22.83
C PHE A 767 19.13 -17.03 22.17
N GLU A 768 20.34 -16.61 22.54
CA GLU A 768 21.57 -17.19 22.01
C GLU A 768 21.67 -18.68 22.32
N LYS A 769 21.16 -19.06 23.48
CA LYS A 769 21.21 -20.44 23.94
C LYS A 769 20.19 -21.34 23.25
N GLU A 770 19.03 -20.76 22.90
CA GLU A 770 17.90 -21.58 22.43
C GLU A 770 17.60 -21.49 20.94
N PHE A 771 18.18 -20.51 20.24
CA PHE A 771 17.72 -20.17 18.89
C PHE A 771 17.86 -21.31 17.85
N ARG A 772 18.74 -22.26 18.11
CA ARG A 772 18.97 -23.37 17.17
CA ARG A 772 18.97 -23.37 17.17
C ARG A 772 17.77 -24.31 17.06
N GLN A 773 16.83 -24.18 17.97
CA GLN A 773 15.60 -24.97 17.97
C GLN A 773 14.53 -24.36 17.06
N LEU A 774 14.74 -23.12 16.64
CA LEU A 774 13.75 -22.41 15.84
C LEU A 774 13.56 -23.05 14.47
N ASN A 775 12.32 -23.08 14.00
CA ASN A 775 11.99 -23.63 12.70
C ASN A 775 12.78 -22.92 11.60
N TYR A 776 13.30 -23.69 10.65
CA TYR A 776 14.20 -23.14 9.62
C TYR A 776 13.60 -21.98 8.82
N ILE A 777 12.31 -22.05 8.53
CA ILE A 777 11.62 -20.95 7.83
C ILE A 777 11.65 -19.66 8.66
N SER A 778 11.44 -19.78 9.97
CA SER A 778 11.42 -18.63 10.87
C SER A 778 12.79 -17.93 10.99
N ILE A 779 13.87 -18.63 10.62
CA ILE A 779 15.20 -18.05 10.71
C ILE A 779 15.86 -17.80 9.34
N ALA A 780 15.09 -18.03 8.28
CA ALA A 780 15.53 -17.74 6.92
C ALA A 780 15.39 -16.25 6.61
N SER A 781 16.38 -15.70 5.91
CA SER A 781 16.30 -14.35 5.37
C SER A 781 15.40 -14.35 4.14
N VAL A 782 14.97 -13.16 3.72
CA VAL A 782 14.08 -13.01 2.59
C VAL A 782 14.64 -11.97 1.63
N SER A 783 14.55 -12.24 0.33
CA SER A 783 14.90 -11.22 -0.66
C SER A 783 14.10 -11.41 -1.93
N SER A 784 13.79 -10.29 -2.59
CA SER A 784 13.37 -10.33 -3.99
C SER A 784 14.54 -10.83 -4.80
N ALA A 785 14.24 -11.52 -5.89
CA ALA A 785 15.27 -12.15 -6.72
C ALA A 785 15.15 -11.70 -8.17
N ASN A 786 15.92 -10.69 -8.54
CA ASN A 786 15.95 -10.20 -9.92
C ASN A 786 17.23 -10.62 -10.64
N ASN A 787 17.14 -10.70 -11.97
CA ASN A 787 18.30 -11.01 -12.83
C ASN A 787 19.03 -12.30 -12.49
N ILE A 788 18.27 -13.36 -12.22
CA ILE A 788 18.86 -14.66 -11.91
C ILE A 788 19.75 -15.11 -13.07
N ALA A 789 19.21 -15.01 -14.28
CA ALA A 789 19.92 -15.43 -15.51
C ALA A 789 21.21 -14.67 -15.78
N LYS A 790 21.23 -13.38 -15.43
CA LYS A 790 22.41 -12.52 -15.63
C LYS A 790 23.65 -13.02 -14.90
N TYR A 791 23.44 -13.56 -13.70
CA TYR A 791 24.53 -14.01 -12.84
C TYR A 791 24.76 -15.52 -12.91
N ASP A 792 24.03 -16.16 -13.82
CA ASP A 792 24.10 -17.60 -14.01
C ASP A 792 25.08 -17.91 -15.14
N VAL A 793 26.24 -18.47 -14.78
CA VAL A 793 27.23 -18.90 -15.75
C VAL A 793 27.42 -20.41 -15.61
N GLY A 794 26.70 -21.16 -16.45
CA GLY A 794 26.75 -22.62 -16.44
C GLY A 794 26.25 -23.26 -15.15
N GLY A 795 25.33 -22.58 -14.47
CA GLY A 795 24.77 -23.08 -13.23
C GLY A 795 25.49 -22.58 -11.99
N PHE A 796 26.55 -21.82 -12.21
CA PHE A 796 27.39 -21.31 -11.12
C PHE A 796 27.43 -19.77 -11.11
N PRO A 797 27.71 -19.16 -9.94
CA PRO A 797 27.72 -17.70 -9.80
C PRO A 797 28.74 -17.00 -10.70
N GLY A 798 28.27 -16.02 -11.46
CA GLY A 798 29.14 -15.17 -12.26
C GLY A 798 29.74 -14.05 -11.43
N PRO A 799 30.54 -13.17 -12.07
CA PRO A 799 31.15 -12.05 -11.36
C PRO A 799 30.11 -11.16 -10.66
N LYS A 800 30.41 -10.78 -9.41
CA LYS A 800 29.56 -9.89 -8.62
C LYS A 800 28.19 -10.45 -8.30
N CYS A 801 28.06 -11.78 -8.32
CA CYS A 801 26.78 -12.43 -8.03
C CYS A 801 26.30 -12.09 -6.62
N PRO A 802 25.09 -11.52 -6.51
CA PRO A 802 24.55 -11.26 -5.17
C PRO A 802 24.35 -12.53 -4.37
N PHE A 803 24.40 -12.42 -3.05
CA PHE A 803 24.31 -13.56 -2.15
C PHE A 803 23.04 -14.37 -2.34
N HIS A 804 21.90 -13.69 -2.45
CA HIS A 804 20.62 -14.40 -2.61
C HIS A 804 20.51 -15.11 -3.97
N ILE A 805 21.12 -14.53 -5.00
CA ILE A 805 21.14 -15.14 -6.34
C ILE A 805 22.02 -16.38 -6.34
N ARG A 806 23.17 -16.29 -5.66
CA ARG A 806 24.04 -17.45 -5.43
C ARG A 806 23.25 -18.59 -4.78
N GLY A 807 22.42 -18.25 -3.81
CA GLY A 807 21.56 -19.23 -3.14
C GLY A 807 20.61 -19.92 -4.10
N ILE A 808 20.05 -19.15 -5.03
CA ILE A 808 19.13 -19.69 -6.03
C ILE A 808 19.85 -20.63 -6.99
N LEU A 809 21.06 -20.23 -7.40
CA LEU A 809 21.86 -21.08 -8.30
C LEU A 809 22.22 -22.40 -7.62
N THR A 810 22.53 -22.33 -6.32
CA THR A 810 22.75 -23.54 -5.52
C THR A 810 21.51 -24.45 -5.55
N TYR A 811 20.35 -23.87 -5.23
CA TYR A 811 19.06 -24.57 -5.29
C TYR A 811 18.84 -25.22 -6.66
N ASN A 812 19.06 -24.46 -7.72
CA ASN A 812 18.84 -24.95 -9.09
C ASN A 812 19.70 -26.16 -9.46
N ARG A 813 20.93 -26.22 -8.94
CA ARG A 813 21.80 -27.40 -9.13
C ARG A 813 21.29 -28.59 -8.33
N ALA A 814 20.80 -28.32 -7.12
CA ALA A 814 20.33 -29.36 -6.21
C ALA A 814 19.06 -30.08 -6.70
N ILE A 815 18.22 -29.37 -7.45
CA ILE A 815 16.95 -29.93 -7.96
C ILE A 815 16.99 -30.28 -9.45
N LYS A 816 18.16 -30.14 -10.08
CA LYS A 816 18.29 -30.35 -11.52
C LYS A 816 17.79 -31.71 -11.96
N GLY A 817 17.01 -31.72 -13.04
CA GLY A 817 16.42 -32.96 -13.56
C GLY A 817 14.96 -33.11 -13.20
N ASN A 818 14.56 -32.53 -12.08
CA ASN A 818 13.17 -32.58 -11.62
C ASN A 818 12.27 -31.55 -12.30
N ILE A 819 11.32 -32.05 -13.07
CA ILE A 819 10.31 -31.21 -13.72
C ILE A 819 9.26 -30.80 -12.67
N ASP A 820 9.15 -31.61 -11.62
CA ASP A 820 8.16 -31.43 -10.56
C ASP A 820 8.55 -30.41 -9.50
N ALA A 821 9.84 -30.27 -9.24
CA ALA A 821 10.35 -29.39 -8.17
C ALA A 821 9.92 -27.95 -8.37
N PRO A 822 9.53 -27.26 -7.26
CA PRO A 822 9.14 -25.86 -7.37
C PRO A 822 10.29 -25.04 -7.94
N GLN A 823 10.00 -24.25 -8.98
CA GLN A 823 11.01 -23.40 -9.58
C GLN A 823 10.97 -22.02 -8.94
N VAL A 824 12.14 -21.41 -8.80
CA VAL A 824 12.24 -20.02 -8.37
C VAL A 824 11.82 -19.14 -9.55
N VAL A 825 10.88 -18.24 -9.30
CA VAL A 825 10.36 -17.35 -10.33
C VAL A 825 11.07 -16.01 -10.31
N GLU A 826 11.63 -15.63 -11.45
CA GLU A 826 12.26 -14.34 -11.66
C GLU A 826 11.39 -13.20 -11.15
N GLY A 827 11.95 -12.37 -10.27
CA GLY A 827 11.25 -11.19 -9.76
C GLY A 827 10.46 -11.42 -8.48
N GLU A 828 10.32 -12.68 -8.09
CA GLU A 828 9.58 -13.01 -6.86
C GLU A 828 10.54 -13.16 -5.68
N LYS A 829 10.00 -13.46 -4.50
CA LYS A 829 10.82 -13.52 -3.29
C LYS A 829 11.27 -14.92 -2.94
N VAL A 830 12.45 -15.01 -2.33
CA VAL A 830 13.00 -16.28 -1.88
C VAL A 830 13.38 -16.21 -0.40
N TYR A 831 13.28 -17.35 0.27
CA TYR A 831 13.96 -17.57 1.54
C TYR A 831 15.42 -17.90 1.27
N VAL A 832 16.31 -17.51 2.18
CA VAL A 832 17.74 -17.71 2.01
C VAL A 832 18.34 -18.20 3.32
N LEU A 833 19.12 -19.27 3.26
CA LEU A 833 19.86 -19.76 4.42
C LEU A 833 21.34 -19.94 4.11
N PRO A 834 22.22 -19.61 5.08
CA PRO A 834 23.63 -19.93 4.90
C PRO A 834 23.91 -21.41 5.16
N LEU A 835 24.94 -21.93 4.51
CA LEU A 835 25.33 -23.34 4.61
C LEU A 835 26.75 -23.48 5.13
N ARG A 836 26.96 -24.44 6.03
CA ARG A 836 28.28 -24.68 6.62
C ARG A 836 29.29 -25.21 5.61
N GLU A 837 30.56 -24.93 5.90
CA GLU A 837 31.70 -25.41 5.09
C GLU A 837 31.59 -26.91 4.87
N GLY A 838 31.83 -27.34 3.63
CA GLY A 838 31.90 -28.77 3.29
C GLY A 838 30.55 -29.44 3.11
N ASN A 839 29.49 -28.64 2.98
CA ASN A 839 28.15 -29.15 2.68
C ASN A 839 28.06 -29.72 1.26
N PRO A 840 27.11 -30.65 1.02
CA PRO A 840 26.98 -31.32 -0.28
C PRO A 840 26.41 -30.46 -1.40
N PHE A 841 25.91 -29.26 -1.09
CA PHE A 841 25.38 -28.35 -2.10
C PHE A 841 26.48 -27.59 -2.83
N GLY A 842 27.69 -27.63 -2.27
CA GLY A 842 28.87 -27.05 -2.91
C GLY A 842 28.96 -25.53 -2.89
N ASP A 843 28.16 -24.88 -2.06
CA ASP A 843 28.24 -23.41 -1.91
C ASP A 843 27.76 -22.94 -0.55
N LYS A 844 27.97 -21.65 -0.26
CA LYS A 844 27.82 -21.10 1.10
C LYS A 844 26.39 -20.73 1.50
N CYS A 845 25.44 -20.90 0.58
CA CYS A 845 24.03 -20.58 0.85
C CYS A 845 23.08 -21.26 -0.14
N ILE A 846 21.81 -21.31 0.24
CA ILE A 846 20.75 -21.87 -0.61
C ILE A 846 19.50 -21.01 -0.45
N ALA A 847 18.73 -20.91 -1.52
CA ALA A 847 17.52 -20.11 -1.53
C ALA A 847 16.41 -20.88 -2.21
N TRP A 848 15.17 -20.67 -1.77
CA TRP A 848 14.02 -21.35 -2.38
C TRP A 848 12.80 -20.42 -2.31
N PRO A 849 11.71 -20.72 -3.05
CA PRO A 849 10.57 -19.80 -3.08
C PRO A 849 10.02 -19.45 -1.70
N SER A 850 9.83 -18.15 -1.45
CA SER A 850 9.32 -17.71 -0.14
C SER A 850 7.87 -18.17 0.07
N GLY A 851 7.46 -18.26 1.33
CA GLY A 851 6.13 -18.75 1.68
C GLY A 851 5.91 -20.23 1.48
N THR A 852 6.99 -20.96 1.20
CA THR A 852 6.90 -22.41 0.98
C THR A 852 7.93 -23.18 1.81
N GLU A 853 7.61 -24.44 2.07
CA GLU A 853 8.57 -25.41 2.60
C GLU A 853 9.49 -25.78 1.45
N ILE A 854 10.79 -25.91 1.74
CA ILE A 854 11.72 -26.39 0.72
C ILE A 854 11.39 -27.84 0.37
N THR A 855 11.53 -28.20 -0.90
CA THR A 855 11.16 -29.53 -1.39
C THR A 855 11.82 -30.66 -0.59
N ASP A 856 11.05 -31.72 -0.32
CA ASP A 856 11.49 -32.83 0.52
C ASP A 856 12.77 -33.52 0.04
N LEU A 857 13.03 -33.40 -1.26
CA LEU A 857 14.26 -33.91 -1.88
C LEU A 857 15.54 -33.44 -1.16
N ILE A 858 15.56 -32.17 -0.76
CA ILE A 858 16.76 -31.56 -0.18
C ILE A 858 16.57 -30.99 1.23
N LYS A 859 15.34 -31.01 1.74
CA LYS A 859 15.02 -30.43 3.06
C LYS A 859 15.90 -30.97 4.18
N ASP A 860 16.01 -32.30 4.28
CA ASP A 860 16.82 -32.92 5.32
C ASP A 860 18.27 -32.45 5.28
N ASP A 861 18.83 -32.34 4.07
CA ASP A 861 20.20 -31.88 3.90
C ASP A 861 20.38 -30.41 4.26
N VAL A 862 19.41 -29.57 3.88
CA VAL A 862 19.42 -28.15 4.26
C VAL A 862 19.42 -28.04 5.79
N LEU A 863 18.48 -28.74 6.44
CA LEU A 863 18.39 -28.75 7.90
C LEU A 863 19.69 -29.19 8.58
N HIS A 864 20.33 -30.24 8.04
CA HIS A 864 21.58 -30.75 8.60
C HIS A 864 22.75 -29.78 8.43
N TRP A 865 22.74 -29.02 7.34
CA TRP A 865 23.89 -28.18 6.97
C TRP A 865 23.71 -26.66 7.18
N MET A 866 22.51 -26.24 7.58
CA MET A 866 22.22 -24.85 7.95
C MET A 866 23.27 -24.29 8.88
N ASP A 867 23.80 -23.12 8.56
CA ASP A 867 24.82 -22.52 9.41
C ASP A 867 24.20 -21.58 10.44
N TYR A 868 23.86 -22.12 11.60
CA TYR A 868 23.22 -21.35 12.66
C TYR A 868 24.12 -20.22 13.19
N THR A 869 25.43 -20.48 13.25
CA THR A 869 26.38 -19.48 13.77
C THR A 869 26.38 -18.23 12.88
N VAL A 870 26.47 -18.43 11.57
CA VAL A 870 26.46 -17.31 10.62
C VAL A 870 25.11 -16.57 10.65
N LEU A 871 24.03 -17.35 10.64
CA LEU A 871 22.67 -16.84 10.69
C LEU A 871 22.50 -15.89 11.88
N LEU A 872 22.92 -16.34 13.06
CA LEU A 872 22.80 -15.54 14.27
C LEU A 872 23.63 -14.26 14.20
N GLU A 873 24.89 -14.41 13.81
CA GLU A 873 25.77 -13.25 13.72
C GLU A 873 25.23 -12.17 12.78
N LYS A 874 24.80 -12.59 11.61
CA LYS A 874 24.39 -11.66 10.56
C LYS A 874 23.05 -11.00 10.81
N THR A 875 22.06 -11.78 11.24
CA THR A 875 20.69 -11.29 11.34
C THR A 875 20.34 -10.76 12.72
N PHE A 876 21.03 -11.25 13.75
CA PHE A 876 20.69 -10.89 15.13
C PHE A 876 21.78 -10.09 15.84
N ILE A 877 22.98 -10.66 15.96
CA ILE A 877 24.04 -10.02 16.74
C ILE A 877 24.48 -8.70 16.13
N LYS A 878 24.75 -8.68 14.82
CA LYS A 878 25.18 -7.43 14.17
C LYS A 878 24.17 -6.27 14.33
N PRO A 879 22.87 -6.50 14.05
CA PRO A 879 21.91 -5.42 14.31
C PRO A 879 21.82 -5.05 15.80
N LEU A 880 21.79 -6.04 16.69
CA LEU A 880 21.73 -5.77 18.12
C LEU A 880 22.94 -4.94 18.60
N GLU A 881 24.14 -5.28 18.13
CA GLU A 881 25.36 -4.52 18.44
CA GLU A 881 25.33 -4.51 18.49
C GLU A 881 25.21 -3.06 18.01
N GLY A 882 24.55 -2.86 16.87
CA GLY A 882 24.25 -1.51 16.39
C GLY A 882 23.31 -0.76 17.32
N PHE A 883 22.24 -1.42 17.77
CA PHE A 883 21.27 -0.79 18.69
C PHE A 883 21.93 -0.42 20.01
N THR A 884 22.68 -1.37 20.57
CA THR A 884 23.27 -1.21 21.89
C THR A 884 24.42 -0.20 21.91
N SER A 885 25.28 -0.22 20.88
CA SER A 885 26.35 0.79 20.80
C SER A 885 25.77 2.20 20.69
N ALA A 886 24.72 2.34 19.89
CA ALA A 886 24.04 3.63 19.76
C ALA A 886 23.48 4.08 21.11
N ALA A 887 22.86 3.15 21.83
CA ALA A 887 22.20 3.43 23.10
C ALA A 887 23.15 3.47 24.30
N LYS A 888 24.43 3.18 24.04
CA LYS A 888 25.49 3.19 25.07
C LYS A 888 25.20 2.15 26.16
N LEU A 889 24.94 0.94 25.70
CA LEU A 889 24.41 -0.14 26.52
C LEU A 889 25.15 -1.41 26.12
N ASP A 890 25.26 -2.38 27.03
CA ASP A 890 25.88 -3.66 26.72
C ASP A 890 24.86 -4.81 26.72
N TYR A 891 24.86 -5.63 25.67
CA TYR A 891 23.97 -6.80 25.63
C TYR A 891 24.56 -8.01 26.36
N GLU A 892 25.83 -7.92 26.71
CA GLU A 892 26.49 -8.94 27.55
C GLU A 892 27.13 -8.27 28.77
N LYS A 893 26.94 -8.88 29.93
CA LYS A 893 27.44 -8.30 31.19
C LYS A 893 28.96 -8.25 31.21
N LYS A 894 29.49 -7.03 31.39
CA LYS A 894 30.92 -6.81 31.49
C LYS A 894 31.44 -7.28 32.86
N ALA A 895 32.68 -7.76 32.89
CA ALA A 895 33.33 -8.17 34.13
C ALA A 895 33.42 -7.00 35.12
N SER A 896 33.27 -7.31 36.40
CA SER A 896 33.41 -6.30 37.46
C SER A 896 34.19 -6.87 38.66
N LEU A 897 34.48 -6.00 39.62
CA LEU A 897 35.21 -6.39 40.82
C LEU A 897 34.44 -7.35 41.73
N PHE A 898 33.13 -7.38 41.60
CA PHE A 898 32.27 -8.28 42.38
C PHE A 898 32.43 -9.75 42.02
N ASP A 899 32.87 -10.02 40.79
CA ASP A 899 33.14 -11.39 40.32
C ASP A 899 34.15 -12.13 41.21
N MET A 900 34.87 -11.38 42.06
CA MET A 900 35.85 -11.94 42.98
C MET A 900 35.20 -12.45 44.27
N PHE A 901 33.87 -12.34 44.34
CA PHE A 901 33.09 -12.85 45.47
C PHE A 901 32.10 -13.91 44.98
N1 DOC C 13 8.68 9.12 3.36
C2 DOC C 13 8.88 9.34 1.98
N3 DOC C 13 8.41 8.45 1.08
C4 DOC C 13 7.76 7.34 1.50
C5 DOC C 13 7.53 7.11 2.85
C6 DOC C 13 8.02 8.03 3.80
O2 DOC C 13 9.49 10.36 1.57
N4 DOC C 13 7.30 6.47 0.56
C1' DOC C 13 9.20 10.13 4.28
C2' DOC C 13 8.11 11.11 4.74
C3' DOC C 13 8.27 11.19 6.25
C4' DOC C 13 9.66 10.60 6.43
O4' DOC C 13 9.73 9.55 5.48
C5' DOC C 13 9.99 10.14 7.85
O5' DOC C 13 9.19 9.05 8.28
P DOC C 13 9.71 8.09 9.45
OP1 DOC C 13 10.46 8.89 10.48
OP2 DOC C 13 8.49 7.29 9.84
PG DGT D . 0.01 13.20 7.41
O1G DGT D . 1.16 13.53 8.33
O2G DGT D . -1.12 14.18 7.50
O3G DGT D . -0.46 11.80 7.68
O3B DGT D . 0.49 13.26 5.87
PB DGT D . 1.97 13.62 5.39
O1B DGT D . 1.90 13.73 3.88
O2B DGT D . 2.51 14.84 6.08
O3A DGT D . 2.67 12.26 5.87
PA DGT D . 4.20 11.76 5.83
O1A DGT D . 4.14 10.27 5.76
O2A DGT D . 4.92 12.19 7.09
O5' DGT D . 4.91 12.36 4.53
C5' DGT D . 5.54 13.61 4.59
C4' DGT D . 5.76 14.06 3.16
O4' DGT D . 6.62 13.14 2.52
C3' DGT D . 4.50 14.06 2.32
O3' DGT D . 3.64 15.18 2.53
C2' DGT D . 5.12 14.04 0.94
C1' DGT D . 6.36 13.16 1.14
N9 DGT D . 5.93 11.84 0.65
C8 DGT D . 5.58 10.72 1.36
N7 DGT D . 5.21 9.77 0.45
C5 DGT D . 5.31 10.29 -0.79
C6 DGT D . 5.06 9.78 -2.06
O6 DGT D . 4.66 8.63 -2.17
N1 DGT D . 5.24 10.58 -3.18
C2 DGT D . 5.68 11.88 -3.03
N2 DGT D . 5.86 12.65 -4.09
N3 DGT D . 5.93 12.38 -1.76
C4 DGT D . 5.75 11.59 -0.68
CA CA E . 2.99 14.78 8.35
CA CA F . 6.15 12.37 9.03
CA CA G . -16.10 -4.55 34.19
CA CA H . -0.48 14.89 12.66
CA CA I . -5.22 -23.61 -6.37
#